data_1FD7
#
_entry.id   1FD7
#
_cell.length_a   60.761
_cell.length_b   157.538
_cell.length_c   63.145
_cell.angle_alpha   90.00
_cell.angle_beta   116.53
_cell.angle_gamma   90.00
#
_symmetry.space_group_name_H-M   'P 1 21 1'
#
loop_
_entity.id
_entity.type
_entity.pdbx_description
1 polymer 'HEAT-LABILE ENTEROTOXIN B CHAIN'
2 non-polymer N-BENZYL-3-(ALPHA-D-GALACTOS-1-YL)-BENZAMIDE
3 water water
#
_entity_poly.entity_id   1
_entity_poly.type   'polypeptide(L)'
_entity_poly.pdbx_seq_one_letter_code
;APQTITELCSEYRNTQIYTINDKILSYTESMAGKREMVIITFKSGETFQVEVPGSQHIDSQKKAIERMKDTLRITYLTET
KIDKLCVWNNKTPNSIAAISMKN
;
_entity_poly.pdbx_strand_id   D,E,F,G,H,L,M,N,O,P
#
# COMPACT_ATOMS: atom_id res chain seq x y z
N ALA A 1 -56.76 -9.01 -38.43
CA ALA A 1 -58.05 -8.29 -38.72
C ALA A 1 -59.25 -9.14 -38.39
N PRO A 2 -59.21 -9.89 -37.30
CA PRO A 2 -60.31 -10.73 -36.86
C PRO A 2 -61.53 -9.92 -36.46
N GLN A 3 -62.72 -10.49 -36.71
CA GLN A 3 -63.96 -9.75 -36.47
C GLN A 3 -64.73 -10.23 -35.26
N THR A 4 -64.26 -11.33 -34.66
CA THR A 4 -64.90 -11.92 -33.50
C THR A 4 -63.81 -12.54 -32.61
N ILE A 5 -64.21 -12.76 -31.35
CA ILE A 5 -63.26 -13.36 -30.42
C ILE A 5 -62.91 -14.78 -30.82
N THR A 6 -63.84 -15.53 -31.41
CA THR A 6 -63.53 -16.88 -31.87
C THR A 6 -62.52 -16.89 -33.00
N GLU A 7 -62.59 -15.98 -33.97
CA GLU A 7 -61.63 -15.90 -35.07
C GLU A 7 -60.22 -15.54 -34.58
N LEU A 8 -60.21 -14.56 -33.66
CA LEU A 8 -58.98 -14.15 -33.02
C LEU A 8 -58.34 -15.31 -32.27
N CYS A 9 -59.11 -16.01 -31.41
CA CYS A 9 -58.60 -17.07 -30.58
C CYS A 9 -57.99 -18.23 -31.39
N SER A 10 -58.66 -18.52 -32.51
CA SER A 10 -58.20 -19.56 -33.43
C SER A 10 -56.88 -19.29 -34.12
N GLU A 11 -56.36 -18.06 -34.08
CA GLU A 11 -55.08 -17.76 -34.69
C GLU A 11 -53.92 -18.20 -33.80
N TYR A 12 -54.20 -18.63 -32.59
CA TYR A 12 -53.16 -19.03 -31.65
C TYR A 12 -53.20 -20.50 -31.25
N ARG A 13 -52.03 -21.02 -30.90
CA ARG A 13 -51.93 -22.38 -30.37
C ARG A 13 -52.24 -22.41 -28.89
N ASN A 14 -52.63 -23.54 -28.32
CA ASN A 14 -52.89 -23.69 -26.90
C ASN A 14 -54.01 -22.79 -26.37
N THR A 15 -55.03 -22.54 -27.17
CA THR A 15 -56.13 -21.71 -26.77
C THR A 15 -57.43 -22.49 -27.00
N GLN A 16 -58.45 -22.14 -26.26
CA GLN A 16 -59.80 -22.60 -26.50
C GLN A 16 -60.71 -21.44 -26.03
N ILE A 17 -61.92 -21.44 -26.55
CA ILE A 17 -62.96 -20.50 -26.18
C ILE A 17 -63.76 -21.10 -25.02
N TYR A 18 -64.05 -20.32 -23.99
CA TYR A 18 -65.02 -20.75 -22.99
C TYR A 18 -66.28 -19.87 -23.08
N THR A 19 -67.48 -20.40 -23.38
CA THR A 19 -68.67 -19.60 -23.33
C THR A 19 -69.18 -19.52 -21.89
N ILE A 20 -68.94 -18.39 -21.25
CA ILE A 20 -69.29 -18.21 -19.85
C ILE A 20 -70.70 -17.71 -19.66
N ASN A 21 -71.14 -16.78 -20.49
CA ASN A 21 -72.47 -16.20 -20.39
C ASN A 21 -72.91 -16.13 -18.93
N ASP A 22 -72.19 -15.29 -18.16
CA ASP A 22 -72.51 -15.12 -16.76
C ASP A 22 -71.61 -14.01 -16.20
N LYS A 23 -72.01 -13.50 -15.04
CA LYS A 23 -71.13 -12.48 -14.41
C LYS A 23 -70.03 -13.18 -13.59
N ILE A 24 -69.02 -12.42 -13.17
CA ILE A 24 -67.93 -12.94 -12.38
C ILE A 24 -68.41 -13.20 -10.95
N LEU A 25 -68.01 -14.35 -10.39
CA LEU A 25 -68.49 -14.70 -9.04
C LEU A 25 -67.52 -14.03 -8.05
N SER A 26 -66.23 -14.27 -8.24
CA SER A 26 -65.20 -13.67 -7.42
C SER A 26 -64.05 -13.06 -8.25
N TYR A 27 -63.46 -12.05 -7.60
CA TYR A 27 -62.37 -11.24 -8.11
C TYR A 27 -61.28 -11.21 -7.05
N THR A 28 -60.06 -11.59 -7.42
CA THR A 28 -58.90 -11.61 -6.52
C THR A 28 -57.75 -10.86 -7.17
N GLU A 29 -57.08 -9.99 -6.43
CA GLU A 29 -55.99 -9.18 -6.99
C GLU A 29 -54.80 -9.21 -6.03
N SER A 30 -53.61 -9.43 -6.57
CA SER A 30 -52.42 -9.47 -5.74
C SER A 30 -51.36 -8.50 -6.22
N MET A 31 -50.71 -7.90 -5.24
CA MET A 31 -49.61 -6.98 -5.47
C MET A 31 -48.35 -7.56 -4.83
N ALA A 32 -48.40 -8.81 -4.42
CA ALA A 32 -47.25 -9.52 -3.82
C ALA A 32 -46.20 -9.75 -4.89
N GLY A 33 -44.91 -9.57 -4.49
CA GLY A 33 -43.86 -9.65 -5.49
C GLY A 33 -43.78 -11.02 -6.17
N LYS A 34 -43.75 -11.00 -7.50
CA LYS A 34 -43.68 -12.15 -8.38
C LYS A 34 -45.02 -12.82 -8.62
N ARG A 35 -46.07 -12.29 -7.99
CA ARG A 35 -47.43 -12.70 -8.12
C ARG A 35 -48.33 -11.48 -8.41
N GLU A 36 -47.87 -10.56 -9.21
CA GLU A 36 -48.70 -9.40 -9.58
C GLU A 36 -49.73 -9.90 -10.58
N MET A 37 -50.89 -10.36 -10.09
CA MET A 37 -51.88 -10.94 -11.01
C MET A 37 -53.30 -10.79 -10.52
N VAL A 38 -54.25 -11.22 -11.36
CA VAL A 38 -55.67 -11.21 -11.00
C VAL A 38 -56.24 -12.61 -11.27
N ILE A 39 -57.05 -13.13 -10.39
CA ILE A 39 -57.72 -14.41 -10.49
C ILE A 39 -59.22 -14.17 -10.51
N ILE A 40 -59.99 -14.78 -11.44
CA ILE A 40 -61.44 -14.55 -11.39
C ILE A 40 -62.10 -15.94 -11.38
N THR A 41 -63.27 -16.11 -10.77
CA THR A 41 -63.95 -17.39 -10.79
C THR A 41 -65.39 -17.14 -11.16
N PHE A 42 -66.12 -18.17 -11.60
CA PHE A 42 -67.51 -18.15 -11.98
C PHE A 42 -68.25 -19.24 -11.19
N LYS A 43 -69.55 -19.17 -11.05
CA LYS A 43 -70.35 -20.11 -10.31
C LYS A 43 -70.32 -21.51 -10.91
N SER A 44 -69.88 -21.69 -12.14
CA SER A 44 -69.62 -22.98 -12.74
C SER A 44 -68.46 -23.72 -12.05
N GLY A 45 -67.62 -23.00 -11.32
CA GLY A 45 -66.44 -23.57 -10.69
C GLY A 45 -65.16 -23.30 -11.47
N GLU A 46 -65.23 -22.72 -12.66
CA GLU A 46 -64.05 -22.45 -13.46
C GLU A 46 -63.35 -21.18 -12.98
N THR A 47 -62.03 -21.25 -12.97
CA THR A 47 -61.12 -20.23 -12.48
C THR A 47 -60.21 -19.76 -13.61
N PHE A 48 -59.92 -18.47 -13.74
CA PHE A 48 -59.02 -18.00 -14.79
C PHE A 48 -57.98 -17.02 -14.24
N GLN A 49 -56.84 -16.78 -14.85
CA GLN A 49 -56.02 -15.69 -14.35
C GLN A 49 -55.60 -14.79 -15.50
N VAL A 50 -55.04 -13.63 -15.12
CA VAL A 50 -54.34 -12.76 -16.05
C VAL A 50 -52.92 -13.03 -15.51
N GLU A 51 -52.02 -13.47 -16.36
CA GLU A 51 -50.69 -13.86 -15.88
C GLU A 51 -49.86 -12.67 -15.42
N VAL A 52 -48.98 -12.98 -14.50
CA VAL A 52 -47.93 -12.03 -14.11
C VAL A 52 -47.15 -11.75 -15.39
N PRO A 53 -46.85 -10.49 -15.71
CA PRO A 53 -46.14 -10.13 -16.90
C PRO A 53 -44.77 -10.81 -16.91
N GLY A 54 -44.35 -11.39 -18.04
CA GLY A 54 -43.07 -12.06 -18.06
C GLY A 54 -42.43 -12.08 -19.44
N SER A 55 -41.40 -12.94 -19.54
CA SER A 55 -40.64 -13.13 -20.76
C SER A 55 -41.48 -13.67 -21.90
N GLN A 56 -42.59 -14.36 -21.62
CA GLN A 56 -43.47 -14.86 -22.66
C GLN A 56 -44.26 -13.72 -23.31
N HIS A 57 -44.29 -12.53 -22.75
CA HIS A 57 -45.02 -11.40 -23.28
C HIS A 57 -44.17 -10.44 -24.10
N ILE A 58 -44.66 -9.87 -25.20
CA ILE A 58 -43.81 -8.92 -25.97
C ILE A 58 -44.14 -7.52 -25.48
N ASP A 59 -43.38 -6.48 -25.75
CA ASP A 59 -43.63 -5.17 -25.11
C ASP A 59 -44.96 -4.55 -25.52
N SER A 60 -45.48 -4.89 -26.69
CA SER A 60 -46.83 -4.43 -27.06
C SER A 60 -47.93 -5.00 -26.17
N GLN A 61 -47.67 -6.05 -25.38
CA GLN A 61 -48.67 -6.63 -24.53
C GLN A 61 -48.70 -5.97 -23.16
N LYS A 62 -47.66 -5.20 -22.83
CA LYS A 62 -47.62 -4.67 -21.47
C LYS A 62 -48.83 -3.82 -21.11
N LYS A 63 -49.18 -2.85 -21.97
CA LYS A 63 -50.34 -2.01 -21.65
C LYS A 63 -51.61 -2.83 -21.76
N ALA A 64 -51.64 -3.81 -22.65
CA ALA A 64 -52.84 -4.65 -22.85
C ALA A 64 -53.11 -5.54 -21.65
N ILE A 65 -52.06 -6.04 -21.00
CA ILE A 65 -52.22 -6.84 -19.78
C ILE A 65 -52.83 -5.96 -18.70
N GLU A 66 -52.33 -4.71 -18.54
CA GLU A 66 -52.88 -3.80 -17.55
C GLU A 66 -54.34 -3.47 -17.89
N ARG A 67 -54.64 -3.25 -19.16
CA ARG A 67 -56.03 -2.98 -19.56
C ARG A 67 -56.95 -4.15 -19.21
N MET A 68 -56.54 -5.40 -19.49
CA MET A 68 -57.39 -6.56 -19.19
C MET A 68 -57.72 -6.61 -17.71
N LYS A 69 -56.72 -6.39 -16.84
CA LYS A 69 -57.03 -6.44 -15.41
C LYS A 69 -57.99 -5.30 -15.06
N ASP A 70 -57.85 -4.13 -15.68
CA ASP A 70 -58.82 -3.07 -15.45
C ASP A 70 -60.25 -3.51 -15.82
N THR A 71 -60.37 -4.08 -17.01
CA THR A 71 -61.68 -4.55 -17.50
C THR A 71 -62.29 -5.57 -16.58
N LEU A 72 -61.51 -6.52 -16.06
CA LEU A 72 -62.10 -7.52 -15.16
C LEU A 72 -62.62 -6.90 -13.89
N ARG A 73 -61.88 -5.92 -13.34
CA ARG A 73 -62.34 -5.29 -12.13
C ARG A 73 -63.67 -4.55 -12.35
N ILE A 74 -63.75 -3.76 -13.43
CA ILE A 74 -65.03 -3.01 -13.58
C ILE A 74 -66.15 -3.94 -13.96
N THR A 75 -65.84 -4.99 -14.70
CA THR A 75 -66.80 -6.00 -15.11
C THR A 75 -67.36 -6.67 -13.85
N TYR A 76 -66.46 -7.04 -12.92
CA TYR A 76 -66.93 -7.65 -11.68
C TYR A 76 -67.81 -6.68 -10.87
N LEU A 77 -67.37 -5.44 -10.70
CA LEU A 77 -68.12 -4.46 -9.89
C LEU A 77 -69.46 -4.07 -10.48
N THR A 78 -69.63 -4.16 -11.79
CA THR A 78 -70.86 -3.76 -12.42
C THR A 78 -71.76 -4.97 -12.64
N GLU A 79 -71.32 -6.17 -12.24
CA GLU A 79 -72.12 -7.38 -12.49
C GLU A 79 -72.39 -7.62 -13.97
N THR A 80 -71.47 -7.20 -14.82
CA THR A 80 -71.64 -7.32 -16.26
C THR A 80 -71.47 -8.76 -16.72
N LYS A 81 -72.40 -9.29 -17.53
CA LYS A 81 -72.20 -10.69 -17.92
C LYS A 81 -71.10 -10.81 -18.97
N ILE A 82 -70.21 -11.78 -18.81
CA ILE A 82 -69.18 -12.03 -19.80
C ILE A 82 -69.71 -13.03 -20.83
N ASP A 83 -69.42 -12.83 -22.11
CA ASP A 83 -69.97 -13.79 -23.08
C ASP A 83 -68.96 -14.92 -23.20
N LYS A 84 -67.85 -14.61 -23.89
CA LYS A 84 -66.81 -15.59 -24.09
C LYS A 84 -65.45 -15.19 -23.53
N LEU A 85 -64.65 -16.18 -23.19
CA LEU A 85 -63.24 -15.95 -22.89
C LEU A 85 -62.40 -16.83 -23.85
N CYS A 86 -61.36 -16.26 -24.44
CA CYS A 86 -60.34 -16.97 -25.17
C CYS A 86 -59.19 -17.14 -24.17
N VAL A 87 -58.79 -18.39 -23.87
CA VAL A 87 -57.84 -18.59 -22.81
C VAL A 87 -56.73 -19.55 -23.29
N TRP A 88 -55.55 -19.31 -22.78
CA TRP A 88 -54.43 -20.23 -23.03
C TRP A 88 -54.61 -21.39 -22.05
N ASN A 89 -54.73 -22.61 -22.60
CA ASN A 89 -54.99 -23.77 -21.75
C ASN A 89 -53.72 -24.51 -21.34
N ASN A 90 -52.53 -23.96 -21.59
CA ASN A 90 -51.28 -24.55 -21.20
C ASN A 90 -50.76 -23.86 -19.94
N LYS A 91 -51.67 -23.26 -19.17
CA LYS A 91 -51.36 -22.62 -17.90
C LYS A 91 -52.45 -22.98 -16.92
N THR A 92 -52.23 -22.99 -15.61
CA THR A 92 -53.23 -23.25 -14.59
C THR A 92 -53.11 -22.14 -13.52
N PRO A 93 -54.17 -21.39 -13.29
CA PRO A 93 -55.44 -21.56 -13.96
C PRO A 93 -55.30 -21.16 -15.42
N ASN A 94 -56.26 -21.45 -16.27
CA ASN A 94 -56.13 -21.04 -17.69
C ASN A 94 -55.94 -19.53 -17.70
N SER A 95 -55.27 -19.03 -18.70
CA SER A 95 -54.87 -17.63 -18.80
C SER A 95 -55.64 -16.87 -19.86
N ILE A 96 -56.23 -15.73 -19.46
CA ILE A 96 -57.05 -14.95 -20.39
C ILE A 96 -56.28 -14.28 -21.51
N ALA A 97 -56.69 -14.56 -22.76
CA ALA A 97 -56.10 -13.92 -23.91
C ALA A 97 -57.06 -12.83 -24.43
N ALA A 98 -58.35 -13.11 -24.28
CA ALA A 98 -59.36 -12.18 -24.78
C ALA A 98 -60.70 -12.41 -24.07
N ILE A 99 -61.49 -11.34 -24.09
CA ILE A 99 -62.80 -11.35 -23.45
C ILE A 99 -63.79 -10.66 -24.39
N SER A 100 -65.04 -11.13 -24.29
CA SER A 100 -66.13 -10.48 -25.02
C SER A 100 -67.33 -10.42 -24.07
N MET A 101 -68.20 -9.47 -24.33
CA MET A 101 -69.39 -9.23 -23.52
C MET A 101 -70.52 -8.72 -24.41
N LYS A 102 -71.77 -9.13 -24.28
CA LYS A 102 -72.78 -8.57 -25.17
C LYS A 102 -74.04 -8.19 -24.37
N ASN A 103 -74.77 -7.23 -24.95
CA ASN A 103 -75.95 -6.70 -24.25
C ASN A 103 -77.14 -6.64 -25.18
N ALA B 1 -59.06 24.40 -35.76
CA ALA B 1 -59.37 22.94 -35.68
C ALA B 1 -60.81 22.68 -36.10
N PRO B 2 -61.17 21.45 -36.41
CA PRO B 2 -62.51 21.09 -36.81
C PRO B 2 -63.53 21.34 -35.71
N GLN B 3 -64.78 21.61 -36.08
CA GLN B 3 -65.84 21.85 -35.14
C GLN B 3 -66.73 20.63 -34.98
N THR B 4 -66.76 19.72 -35.96
CA THR B 4 -67.61 18.53 -35.82
C THR B 4 -66.87 17.25 -36.22
N ILE B 5 -67.46 16.09 -35.95
CA ILE B 5 -66.83 14.83 -36.33
C ILE B 5 -66.84 14.65 -37.85
N THR B 6 -67.87 15.17 -38.55
CA THR B 6 -67.87 15.04 -40.01
C THR B 6 -66.81 15.89 -40.65
N GLU B 7 -66.64 17.14 -40.20
CA GLU B 7 -65.58 18.00 -40.75
C GLU B 7 -64.21 17.36 -40.53
N LEU B 8 -63.98 16.85 -39.32
CA LEU B 8 -62.69 16.20 -39.02
C LEU B 8 -62.50 14.99 -39.89
N CYS B 9 -63.53 14.12 -39.98
CA CYS B 9 -63.48 12.94 -40.84
C CYS B 9 -63.15 13.25 -42.31
N SER B 10 -63.66 14.35 -42.82
CA SER B 10 -63.51 14.82 -44.20
C SER B 10 -62.08 15.20 -44.51
N GLU B 11 -61.22 15.44 -43.50
CA GLU B 11 -59.83 15.76 -43.71
C GLU B 11 -58.98 14.53 -44.06
N TYR B 12 -59.50 13.32 -43.88
CA TYR B 12 -58.76 12.09 -44.09
C TYR B 12 -59.28 11.33 -45.31
N ARG B 13 -58.34 10.73 -46.07
CA ARG B 13 -58.79 9.86 -47.15
C ARG B 13 -59.17 8.51 -46.57
N ASN B 14 -59.85 7.69 -47.37
CA ASN B 14 -60.26 6.34 -46.96
C ASN B 14 -61.16 6.34 -45.71
N THR B 15 -62.05 7.31 -45.57
CA THR B 15 -62.93 7.36 -44.43
C THR B 15 -64.38 7.60 -44.85
N GLN B 16 -65.24 7.27 -43.89
CA GLN B 16 -66.65 7.50 -44.04
C GLN B 16 -67.24 7.65 -42.62
N ILE B 17 -68.38 8.34 -42.59
CA ILE B 17 -69.11 8.49 -41.33
C ILE B 17 -70.21 7.44 -41.34
N TYR B 18 -70.38 6.64 -40.30
CA TYR B 18 -71.48 5.77 -40.02
C TYR B 18 -72.32 6.51 -38.96
N THR B 19 -73.63 6.61 -39.21
CA THR B 19 -74.55 7.21 -38.24
C THR B 19 -75.18 6.00 -37.53
N ILE B 20 -74.75 5.82 -36.28
CA ILE B 20 -75.15 4.68 -35.50
C ILE B 20 -76.45 4.96 -34.73
N ASN B 21 -76.43 6.00 -33.91
CA ASN B 21 -77.58 6.27 -33.03
C ASN B 21 -78.06 4.98 -32.33
N ASP B 22 -77.12 4.40 -31.56
CA ASP B 22 -77.42 3.21 -30.80
C ASP B 22 -76.27 2.89 -29.84
N LYS B 23 -76.60 2.16 -28.80
CA LYS B 23 -75.57 1.76 -27.81
C LYS B 23 -74.79 0.58 -28.39
N ILE B 24 -73.60 0.27 -27.89
CA ILE B 24 -72.81 -0.85 -28.39
C ILE B 24 -73.44 -2.20 -28.07
N LEU B 25 -73.49 -3.10 -29.06
CA LEU B 25 -74.06 -4.42 -28.84
C LEU B 25 -73.05 -5.35 -28.17
N SER B 26 -71.83 -5.39 -28.66
CA SER B 26 -70.85 -6.29 -28.02
C SER B 26 -69.49 -5.62 -27.95
N TYR B 27 -68.74 -6.02 -26.94
CA TYR B 27 -67.40 -5.43 -26.71
C TYR B 27 -66.40 -6.60 -26.59
N THR B 28 -65.38 -6.53 -27.42
CA THR B 28 -64.36 -7.61 -27.40
C THR B 28 -62.99 -6.96 -27.27
N GLU B 29 -62.19 -7.50 -26.35
CA GLU B 29 -60.87 -6.91 -26.07
C GLU B 29 -59.84 -8.03 -26.09
N SER B 30 -58.70 -7.81 -26.74
CA SER B 30 -57.69 -8.87 -26.76
C SER B 30 -56.35 -8.36 -26.23
N MET B 31 -55.64 -9.16 -25.44
CA MET B 31 -54.27 -8.88 -25.06
C MET B 31 -53.33 -9.95 -25.69
N ALA B 32 -53.83 -10.63 -26.71
CA ALA B 32 -52.98 -11.61 -27.39
C ALA B 32 -51.93 -10.89 -28.22
N GLY B 33 -50.70 -11.42 -28.16
CA GLY B 33 -49.56 -10.75 -28.83
C GLY B 33 -49.84 -10.58 -30.30
N LYS B 34 -49.60 -9.38 -30.82
CA LYS B 34 -49.86 -8.93 -32.16
C LYS B 34 -51.35 -8.69 -32.47
N ARG B 35 -52.27 -8.87 -31.54
CA ARG B 35 -53.69 -8.66 -31.69
C ARG B 35 -54.20 -7.87 -30.48
N GLU B 36 -53.38 -6.91 -30.01
CA GLU B 36 -53.79 -6.07 -28.88
C GLU B 36 -54.79 -5.05 -29.39
N MET B 37 -56.08 -5.39 -29.32
CA MET B 37 -57.09 -4.59 -29.98
C MET B 37 -58.44 -4.73 -29.29
N VAL B 38 -59.38 -3.90 -29.72
CA VAL B 38 -60.76 -3.94 -29.27
C VAL B 38 -61.66 -4.02 -30.50
N ILE B 39 -62.77 -4.78 -30.42
CA ILE B 39 -63.71 -4.86 -31.54
C ILE B 39 -65.11 -4.56 -30.98
N ILE B 40 -65.93 -3.77 -31.64
CA ILE B 40 -67.28 -3.53 -31.10
C ILE B 40 -68.26 -3.90 -32.22
N THR B 41 -69.52 -4.16 -31.93
CA THR B 41 -70.49 -4.50 -32.95
C THR B 41 -71.80 -3.82 -32.52
N PHE B 42 -72.71 -3.61 -33.48
CA PHE B 42 -73.99 -2.96 -33.15
C PHE B 42 -75.05 -3.93 -33.65
N LYS B 43 -76.26 -3.79 -33.16
CA LYS B 43 -77.43 -4.52 -33.63
C LYS B 43 -77.68 -4.32 -35.12
N SER B 44 -77.26 -3.21 -35.69
CA SER B 44 -77.28 -2.90 -37.11
C SER B 44 -76.48 -3.96 -37.89
N GLY B 45 -75.52 -4.65 -37.28
CA GLY B 45 -74.71 -5.70 -37.89
C GLY B 45 -73.30 -5.23 -38.22
N GLU B 46 -73.01 -3.94 -37.98
CA GLU B 46 -71.68 -3.45 -38.28
C GLU B 46 -70.68 -3.86 -37.19
N THR B 47 -69.45 -4.05 -37.62
CA THR B 47 -68.36 -4.41 -36.73
C THR B 47 -67.24 -3.40 -36.94
N PHE B 48 -66.61 -2.95 -35.85
CA PHE B 48 -65.55 -1.96 -36.02
C PHE B 48 -64.40 -2.31 -35.07
N GLN B 49 -63.18 -1.87 -35.39
CA GLN B 49 -62.04 -2.13 -34.53
C GLN B 49 -61.31 -0.83 -34.14
N VAL B 50 -60.57 -0.97 -33.04
CA VAL B 50 -59.53 0.00 -32.70
C VAL B 50 -58.27 -0.80 -33.11
N GLU B 51 -57.55 -0.34 -34.11
CA GLU B 51 -56.44 -1.14 -34.59
C GLU B 51 -55.30 -1.37 -33.57
N VAL B 52 -54.62 -2.51 -33.77
CA VAL B 52 -53.34 -2.66 -33.01
C VAL B 52 -52.37 -1.57 -33.39
N PRO B 53 -51.65 -0.99 -32.44
CA PRO B 53 -50.69 0.09 -32.74
C PRO B 53 -49.66 -0.37 -33.74
N GLY B 54 -49.42 0.42 -34.78
CA GLY B 54 -48.41 0.01 -35.76
C GLY B 54 -47.68 1.23 -36.34
N SER B 55 -46.92 0.91 -37.41
CA SER B 55 -46.11 1.82 -38.19
C SER B 55 -46.94 2.88 -38.91
N GLN B 56 -48.23 2.66 -39.13
CA GLN B 56 -49.05 3.73 -39.71
C GLN B 56 -49.35 4.76 -38.62
N HIS B 57 -49.17 4.43 -37.35
CA HIS B 57 -49.45 5.42 -36.33
C HIS B 57 -48.25 6.31 -36.03
N ILE B 58 -48.56 7.54 -35.63
CA ILE B 58 -47.51 8.50 -35.28
C ILE B 58 -47.48 8.56 -33.76
N ASP B 59 -46.36 9.03 -33.17
CA ASP B 59 -46.26 9.05 -31.75
C ASP B 59 -47.40 9.76 -31.02
N SER B 60 -47.95 10.84 -31.56
CA SER B 60 -49.01 11.55 -30.88
C SER B 60 -50.26 10.69 -30.76
N GLN B 61 -50.37 9.60 -31.54
CA GLN B 61 -51.58 8.80 -31.47
C GLN B 61 -51.50 7.71 -30.39
N LYS B 62 -50.30 7.47 -29.83
CA LYS B 62 -50.22 6.40 -28.82
C LYS B 62 -51.30 6.53 -27.74
N LYS B 63 -51.25 7.67 -27.05
CA LYS B 63 -52.19 7.89 -25.94
C LYS B 63 -53.61 7.93 -26.44
N ALA B 64 -53.81 8.53 -27.64
CA ALA B 64 -55.16 8.61 -28.19
C ALA B 64 -55.72 7.24 -28.49
N ILE B 65 -54.92 6.31 -28.97
CA ILE B 65 -55.44 4.94 -29.20
C ILE B 65 -55.93 4.32 -27.90
N GLU B 66 -55.11 4.48 -26.84
CA GLU B 66 -55.49 3.96 -25.53
C GLU B 66 -56.73 4.65 -24.96
N ARG B 67 -56.85 5.96 -25.17
CA ARG B 67 -58.00 6.73 -24.76
C ARG B 67 -59.27 6.26 -25.50
N MET B 68 -59.14 5.91 -26.78
CA MET B 68 -60.29 5.45 -27.54
C MET B 68 -60.82 4.10 -27.06
N LYS B 69 -59.92 3.20 -26.71
CA LYS B 69 -60.33 1.92 -26.14
C LYS B 69 -61.00 2.12 -24.80
N ASP B 70 -60.48 3.02 -23.95
CA ASP B 70 -61.09 3.30 -22.68
C ASP B 70 -62.53 3.81 -22.87
N THR B 71 -62.68 4.73 -23.84
CA THR B 71 -64.01 5.29 -24.14
C THR B 71 -64.98 4.20 -24.58
N LEU B 72 -64.55 3.29 -25.44
CA LEU B 72 -65.46 2.24 -25.94
C LEU B 72 -65.93 1.34 -24.81
N ARG B 73 -65.03 1.01 -23.88
CA ARG B 73 -65.40 0.16 -22.74
C ARG B 73 -66.43 0.82 -21.84
N ILE B 74 -66.16 2.03 -21.39
CA ILE B 74 -67.12 2.72 -20.47
C ILE B 74 -68.45 3.00 -21.15
N THR B 75 -68.38 3.33 -22.43
CA THR B 75 -69.57 3.58 -23.25
C THR B 75 -70.40 2.31 -23.32
N TYR B 76 -69.73 1.19 -23.64
CA TYR B 76 -70.45 -0.09 -23.58
C TYR B 76 -71.06 -0.35 -22.21
N LEU B 77 -70.25 -0.28 -21.15
CA LEU B 77 -70.75 -0.57 -19.80
C LEU B 77 -71.86 0.37 -19.31
N THR B 78 -71.93 1.59 -19.75
CA THR B 78 -72.94 2.56 -19.34
C THR B 78 -74.14 2.57 -20.29
N GLU B 79 -74.08 1.80 -21.35
CA GLU B 79 -75.15 1.70 -22.35
C GLU B 79 -75.45 3.02 -23.02
N THR B 80 -74.40 3.76 -23.31
CA THR B 80 -74.48 5.11 -23.81
C THR B 80 -74.67 5.07 -25.32
N LYS B 81 -75.59 5.88 -25.86
CA LYS B 81 -75.74 5.94 -27.30
C LYS B 81 -74.59 6.57 -28.03
N ILE B 82 -74.07 5.89 -29.06
CA ILE B 82 -73.11 6.45 -29.99
C ILE B 82 -73.86 7.17 -31.10
N ASP B 83 -73.47 8.37 -31.47
CA ASP B 83 -74.15 9.01 -32.61
C ASP B 83 -73.47 8.56 -33.89
N LYS B 84 -72.28 9.09 -34.13
CA LYS B 84 -71.54 8.78 -35.35
C LYS B 84 -70.16 8.18 -35.05
N LEU B 85 -69.65 7.43 -36.00
CA LEU B 85 -68.28 7.01 -36.03
C LEU B 85 -67.65 7.43 -37.37
N CYS B 86 -66.45 8.00 -37.27
CA CYS B 86 -65.63 8.30 -38.44
C CYS B 86 -64.64 7.11 -38.53
N VAL B 87 -64.75 6.34 -39.62
CA VAL B 87 -63.96 5.13 -39.74
C VAL B 87 -63.16 5.10 -41.03
N TRP B 88 -62.05 4.36 -40.93
CA TRP B 88 -61.20 4.14 -42.09
C TRP B 88 -61.77 2.87 -42.74
N ASN B 89 -62.11 2.97 -44.02
CA ASN B 89 -62.72 1.82 -44.68
C ASN B 89 -61.70 1.03 -45.48
N ASN B 90 -60.41 1.37 -45.35
CA ASN B 90 -59.38 0.56 -46.00
C ASN B 90 -58.85 -0.55 -45.09
N LYS B 91 -59.59 -0.84 -44.03
CA LYS B 91 -59.34 -1.87 -43.05
C LYS B 91 -60.61 -2.69 -42.82
N THR B 92 -60.44 -3.95 -42.44
CA THR B 92 -61.56 -4.83 -42.11
C THR B 92 -61.27 -5.51 -40.78
N PRO B 93 -62.13 -5.35 -39.79
CA PRO B 93 -63.30 -4.50 -39.88
C PRO B 93 -62.91 -3.02 -39.95
N ASN B 94 -63.87 -2.12 -40.24
CA ASN B 94 -63.50 -0.71 -40.43
C ASN B 94 -62.91 -0.21 -39.11
N SER B 95 -61.92 0.64 -39.22
CA SER B 95 -61.10 1.17 -38.13
C SER B 95 -61.54 2.53 -37.61
N ILE B 96 -61.72 2.64 -36.29
CA ILE B 96 -62.28 3.87 -35.71
C ILE B 96 -61.24 4.97 -35.71
N ALA B 97 -61.61 6.10 -36.29
CA ALA B 97 -60.78 7.30 -36.27
C ALA B 97 -61.30 8.27 -35.22
N ALA B 98 -62.63 8.33 -35.08
CA ALA B 98 -63.26 9.23 -34.12
C ALA B 98 -64.66 8.75 -33.77
N ILE B 99 -65.17 9.22 -32.64
CA ILE B 99 -66.54 8.88 -32.21
C ILE B 99 -67.24 10.13 -31.69
N SER B 100 -68.59 10.14 -31.82
CA SER B 100 -69.33 11.24 -31.20
C SER B 100 -70.54 10.62 -30.50
N MET B 101 -71.00 11.33 -29.48
CA MET B 101 -72.14 10.91 -28.67
C MET B 101 -73.02 12.13 -28.41
N LYS B 102 -74.35 11.95 -28.45
CA LYS B 102 -75.13 13.17 -28.17
C LYS B 102 -76.41 12.86 -27.40
N ASN B 103 -76.78 13.87 -26.65
CA ASN B 103 -77.95 13.89 -25.78
C ASN B 103 -77.51 13.39 -24.40
N ALA C 1 -52.15 30.65 -4.56
CA ALA C 1 -52.70 30.31 -5.93
C ALA C 1 -54.11 30.89 -6.03
N PRO C 2 -54.67 30.88 -7.25
CA PRO C 2 -56.03 31.36 -7.45
C PRO C 2 -57.04 30.56 -6.64
N GLN C 3 -58.15 31.19 -6.25
CA GLN C 3 -59.16 30.45 -5.49
C GLN C 3 -60.41 30.16 -6.28
N THR C 4 -60.52 30.76 -7.47
CA THR C 4 -61.75 30.55 -8.27
C THR C 4 -61.36 30.46 -9.75
N ILE C 5 -62.23 29.96 -10.63
CA ILE C 5 -61.92 29.90 -12.05
C ILE C 5 -61.81 31.29 -12.66
N THR C 6 -62.56 32.27 -12.17
CA THR C 6 -62.47 33.63 -12.74
C THR C 6 -61.14 34.24 -12.40
N GLU C 7 -60.68 34.04 -11.13
CA GLU C 7 -59.37 34.58 -10.78
C GLU C 7 -58.31 34.00 -11.74
N LEU C 8 -58.34 32.67 -11.81
CA LEU C 8 -57.33 31.94 -12.60
C LEU C 8 -57.39 32.37 -14.04
N CYS C 9 -58.61 32.46 -14.56
CA CYS C 9 -58.79 32.81 -15.98
C CYS C 9 -58.24 34.20 -16.26
N SER C 10 -58.38 35.09 -15.27
CA SER C 10 -57.89 36.46 -15.50
C SER C 10 -56.40 36.59 -15.52
N GLU C 11 -55.61 35.55 -15.22
CA GLU C 11 -54.17 35.69 -15.23
C GLU C 11 -53.60 35.60 -16.65
N TYR C 12 -54.40 35.16 -17.62
CA TYR C 12 -53.97 34.94 -18.98
C TYR C 12 -54.54 35.89 -20.02
N ARG C 13 -53.77 36.22 -21.07
CA ARG C 13 -54.44 37.10 -22.07
C ARG C 13 -55.17 36.19 -23.06
N ASN C 14 -56.07 36.76 -23.86
CA ASN C 14 -56.73 35.98 -24.90
C ASN C 14 -57.68 34.98 -24.25
N THR C 15 -58.19 35.26 -23.05
CA THR C 15 -59.12 34.32 -22.43
C THR C 15 -60.44 34.99 -22.13
N GLN C 16 -61.45 34.16 -21.89
CA GLN C 16 -62.69 34.69 -21.34
C GLN C 16 -63.45 33.55 -20.66
N ILE C 17 -64.33 33.87 -19.75
CA ILE C 17 -65.18 32.96 -19.03
C ILE C 17 -66.52 32.87 -19.75
N TYR C 18 -66.96 31.66 -20.04
CA TYR C 18 -68.28 31.39 -20.58
C TYR C 18 -69.06 30.80 -19.41
N THR C 19 -70.25 31.34 -19.14
CA THR C 19 -71.10 30.78 -18.09
C THR C 19 -72.02 29.77 -18.80
N ILE C 20 -71.82 28.50 -18.52
CA ILE C 20 -72.51 27.44 -19.27
C ILE C 20 -73.79 27.05 -18.58
N ASN C 21 -73.68 26.66 -17.32
CA ASN C 21 -74.84 26.26 -16.51
C ASN C 21 -75.67 25.25 -17.28
N ASP C 22 -75.03 24.18 -17.75
CA ASP C 22 -75.73 23.18 -18.55
C ASP C 22 -74.86 21.95 -18.74
N LYS C 23 -75.54 20.84 -19.00
CA LYS C 23 -74.77 19.61 -19.30
C LYS C 23 -74.23 19.72 -20.72
N ILE C 24 -73.26 18.86 -21.02
CA ILE C 24 -72.68 18.82 -22.36
C ILE C 24 -73.73 18.20 -23.29
N LEU C 25 -73.95 18.82 -24.45
CA LEU C 25 -74.92 18.25 -25.42
C LEU C 25 -74.30 17.15 -26.27
N SER C 26 -73.04 17.36 -26.70
CA SER C 26 -72.39 16.35 -27.54
C SER C 26 -70.91 16.28 -27.12
N TYR C 27 -70.39 15.08 -27.23
CA TYR C 27 -68.98 14.76 -26.95
C TYR C 27 -68.37 14.07 -28.17
N THR C 28 -67.27 14.59 -28.70
CA THR C 28 -66.61 14.02 -29.88
C THR C 28 -65.15 13.80 -29.52
N GLU C 29 -64.59 12.65 -29.87
CA GLU C 29 -63.21 12.29 -29.56
C GLU C 29 -62.54 11.72 -30.80
N SER C 30 -61.36 12.19 -31.13
CA SER C 30 -60.64 11.72 -32.30
C SER C 30 -59.23 11.24 -31.95
N MET C 31 -58.89 10.07 -32.50
CA MET C 31 -57.51 9.57 -32.39
C MET C 31 -56.85 9.65 -33.76
N ALA C 32 -57.48 10.41 -34.67
CA ALA C 32 -56.86 10.58 -36.00
C ALA C 32 -55.58 11.38 -35.91
N GLY C 33 -54.57 11.04 -36.72
CA GLY C 33 -53.24 11.62 -36.61
C GLY C 33 -53.27 13.10 -36.90
N LYS C 34 -52.65 13.86 -36.00
CA LYS C 34 -52.65 15.32 -36.05
C LYS C 34 -53.97 15.93 -35.57
N ARG C 35 -55.01 15.14 -35.28
CA ARG C 35 -56.27 15.62 -34.72
C ARG C 35 -56.65 14.83 -33.47
N GLU C 36 -55.68 14.59 -32.60
CA GLU C 36 -55.88 13.85 -31.35
C GLU C 36 -56.48 14.84 -30.36
N MET C 37 -57.83 14.91 -30.39
CA MET C 37 -58.49 16.00 -29.63
C MET C 37 -59.89 15.61 -29.20
N VAL C 38 -60.47 16.47 -28.35
CA VAL C 38 -61.88 16.31 -27.93
C VAL C 38 -62.58 17.62 -28.27
N ILE C 39 -63.82 17.54 -28.75
CA ILE C 39 -64.64 18.71 -29.02
C ILE C 39 -65.95 18.54 -28.22
N ILE C 40 -66.47 19.58 -27.59
CA ILE C 40 -67.75 19.45 -26.91
C ILE C 40 -68.67 20.58 -27.41
N THR C 41 -69.96 20.34 -27.41
CA THR C 41 -70.92 21.39 -27.79
C THR C 41 -71.99 21.50 -26.72
N PHE C 42 -72.71 22.62 -26.76
CA PHE C 42 -73.83 22.85 -25.85
C PHE C 42 -75.06 23.27 -26.65
N LYS C 43 -76.24 23.19 -26.06
CA LYS C 43 -77.48 23.62 -26.73
C LYS C 43 -77.52 25.10 -27.02
N SER C 44 -76.66 25.87 -26.36
CA SER C 44 -76.43 27.28 -26.59
C SER C 44 -75.85 27.58 -27.97
N GLY C 45 -75.29 26.61 -28.65
CA GLY C 45 -74.61 26.78 -29.92
C GLY C 45 -73.12 26.89 -29.72
N GLU C 46 -72.61 26.85 -28.47
CA GLU C 46 -71.17 26.98 -28.31
C GLU C 46 -70.44 25.63 -28.49
N THR C 47 -69.26 25.74 -29.06
CA THR C 47 -68.41 24.56 -29.32
C THR C 47 -67.03 24.85 -28.75
N PHE C 48 -66.46 23.88 -28.01
CA PHE C 48 -65.14 24.08 -27.42
C PHE C 48 -64.24 22.88 -27.67
N GLN C 49 -62.93 23.10 -27.71
CA GLN C 49 -62.04 21.96 -27.94
C GLN C 49 -61.02 21.87 -26.79
N VAL C 50 -60.46 20.66 -26.68
CA VAL C 50 -59.19 20.50 -25.93
C VAL C 50 -58.20 20.36 -27.10
N GLU C 51 -57.30 21.34 -27.22
CA GLU C 51 -56.43 21.32 -28.39
C GLU C 51 -55.53 20.10 -28.49
N VAL C 52 -55.09 19.79 -29.70
CA VAL C 52 -54.07 18.75 -29.89
C VAL C 52 -52.80 19.27 -29.19
N PRO C 53 -52.01 18.42 -28.55
CA PRO C 53 -50.80 18.88 -27.87
C PRO C 53 -49.81 19.44 -28.89
N GLY C 54 -49.20 20.59 -28.65
CA GLY C 54 -48.30 21.16 -29.65
C GLY C 54 -47.23 22.02 -28.99
N SER C 55 -46.52 22.73 -29.87
CA SER C 55 -45.45 23.62 -29.42
C SER C 55 -45.88 24.68 -28.42
N GLN C 56 -47.12 25.13 -28.40
CA GLN C 56 -47.59 26.08 -27.42
C GLN C 56 -47.69 25.49 -26.01
N HIS C 57 -47.64 24.18 -25.83
CA HIS C 57 -47.78 23.65 -24.49
C HIS C 57 -46.42 23.40 -23.86
N ILE C 58 -46.37 23.59 -22.54
CA ILE C 58 -45.12 23.31 -21.81
C ILE C 58 -45.25 21.90 -21.25
N ASP C 59 -44.19 21.28 -20.76
CA ASP C 59 -44.25 19.90 -20.34
C ASP C 59 -45.25 19.62 -19.24
N SER C 60 -45.38 20.49 -18.27
CA SER C 60 -46.31 20.35 -17.16
C SER C 60 -47.77 20.24 -17.63
N GLN C 61 -48.10 20.68 -18.84
CA GLN C 61 -49.49 20.62 -19.31
C GLN C 61 -49.77 19.23 -19.90
N LYS C 62 -48.75 18.40 -20.18
CA LYS C 62 -49.04 17.12 -20.82
C LYS C 62 -50.07 16.29 -20.07
N LYS C 63 -49.82 16.03 -18.79
CA LYS C 63 -50.76 15.23 -18.01
C LYS C 63 -52.09 15.97 -17.79
N ALA C 64 -52.03 17.30 -17.75
CA ALA C 64 -53.27 18.06 -17.46
C ALA C 64 -54.19 18.08 -18.67
N ILE C 65 -53.62 18.08 -19.86
CA ILE C 65 -54.42 18.01 -21.10
C ILE C 65 -55.14 16.66 -21.10
N GLU C 66 -54.42 15.57 -20.76
CA GLU C 66 -55.05 14.23 -20.72
C GLU C 66 -56.09 14.20 -19.63
N ARG C 67 -55.83 14.85 -18.49
CA ARG C 67 -56.85 14.89 -17.44
C ARG C 67 -58.11 15.64 -17.90
N MET C 68 -57.92 16.79 -18.55
CA MET C 68 -59.12 17.56 -18.95
C MET C 68 -59.98 16.70 -19.86
N LYS C 69 -59.39 15.95 -20.79
CA LYS C 69 -60.20 15.12 -21.69
C LYS C 69 -60.90 14.03 -20.88
N ASP C 70 -60.20 13.42 -19.91
CA ASP C 70 -60.87 12.44 -19.06
C ASP C 70 -62.08 13.09 -18.36
N THR C 71 -61.91 14.30 -17.83
CA THR C 71 -62.99 14.99 -17.15
C THR C 71 -64.15 15.29 -18.10
N LEU C 72 -63.86 15.74 -19.32
CA LEU C 72 -65.03 16.01 -20.21
C LEU C 72 -65.80 14.74 -20.58
N ARG C 73 -65.09 13.62 -20.69
CA ARG C 73 -65.80 12.38 -21.02
C ARG C 73 -66.71 11.95 -19.86
N ILE C 74 -66.18 11.93 -18.64
CA ILE C 74 -67.05 11.49 -17.52
C ILE C 74 -68.14 12.50 -17.16
N THR C 75 -67.87 13.76 -17.38
CA THR C 75 -68.90 14.79 -17.25
C THR C 75 -70.02 14.56 -18.26
N TYR C 76 -69.64 14.27 -19.50
CA TYR C 76 -70.67 14.03 -20.54
C TYR C 76 -71.51 12.84 -20.12
N LEU C 77 -70.86 11.70 -19.91
CA LEU C 77 -71.54 10.45 -19.58
C LEU C 77 -72.49 10.54 -18.41
N THR C 78 -72.16 11.36 -17.40
CA THR C 78 -72.98 11.50 -16.22
C THR C 78 -73.93 12.67 -16.32
N GLU C 79 -73.93 13.45 -17.40
CA GLU C 79 -74.87 14.59 -17.47
C GLU C 79 -74.67 15.57 -16.33
N THR C 80 -73.41 15.74 -15.93
CA THR C 80 -73.04 16.69 -14.89
C THR C 80 -73.04 18.08 -15.50
N LYS C 81 -73.69 18.99 -14.78
CA LYS C 81 -73.83 20.36 -15.20
C LYS C 81 -72.50 21.10 -15.06
N ILE C 82 -72.05 21.73 -16.11
CA ILE C 82 -70.81 22.53 -16.08
C ILE C 82 -71.25 23.90 -15.59
N ASP C 83 -70.50 24.55 -14.72
CA ASP C 83 -70.81 25.93 -14.31
C ASP C 83 -70.12 26.84 -15.31
N LYS C 84 -68.80 26.97 -15.21
CA LYS C 84 -68.09 27.83 -16.17
C LYS C 84 -66.98 27.11 -16.93
N LEU C 85 -66.58 27.72 -18.04
CA LEU C 85 -65.42 27.32 -18.82
C LEU C 85 -64.55 28.57 -19.02
N CYS C 86 -63.27 28.46 -18.70
CA CYS C 86 -62.27 29.48 -19.04
C CYS C 86 -61.66 29.02 -20.35
N VAL C 87 -61.72 29.83 -21.40
CA VAL C 87 -61.26 29.40 -22.72
C VAL C 87 -60.34 30.43 -23.33
N TRP C 88 -59.39 30.01 -24.15
CA TRP C 88 -58.62 30.92 -24.99
C TRP C 88 -59.47 31.18 -26.25
N ASN C 89 -59.63 32.48 -26.55
CA ASN C 89 -60.46 32.85 -27.70
C ASN C 89 -59.63 33.20 -28.93
N ASN C 90 -58.39 32.75 -29.04
CA ASN C 90 -57.52 32.95 -30.17
C ASN C 90 -57.35 31.65 -30.98
N LYS C 91 -58.30 30.75 -30.80
CA LYS C 91 -58.37 29.47 -31.45
C LYS C 91 -59.85 29.24 -31.79
N THR C 92 -60.06 28.39 -32.78
CA THR C 92 -61.39 27.96 -33.17
C THR C 92 -61.40 26.43 -33.29
N PRO C 93 -62.28 25.74 -32.63
CA PRO C 93 -63.17 26.28 -31.64
C PRO C 93 -62.40 26.87 -30.45
N ASN C 94 -63.04 27.71 -29.64
CA ASN C 94 -62.30 28.25 -28.48
C ASN C 94 -61.76 27.05 -27.68
N SER C 95 -60.60 27.26 -27.05
CA SER C 95 -59.82 26.21 -26.42
C SER C 95 -59.89 26.23 -24.89
N ILE C 96 -60.26 25.09 -24.30
CA ILE C 96 -60.46 25.04 -22.86
C ILE C 96 -59.19 25.15 -22.04
N ALA C 97 -59.16 26.11 -21.12
CA ALA C 97 -58.05 26.24 -20.21
C ALA C 97 -58.48 25.69 -18.85
N ALA C 98 -59.76 25.87 -18.48
CA ALA C 98 -60.15 25.35 -17.14
C ALA C 98 -61.66 25.16 -17.14
N ILE C 99 -62.14 24.32 -16.22
CA ILE C 99 -63.58 24.07 -16.14
C ILE C 99 -64.03 24.10 -14.69
N SER C 100 -65.28 24.41 -14.38
CA SER C 100 -65.79 24.36 -13.03
C SER C 100 -67.22 23.76 -13.13
N MET C 101 -67.58 23.09 -12.04
CA MET C 101 -68.93 22.48 -11.93
C MET C 101 -69.39 22.61 -10.50
N LYS C 102 -70.72 22.84 -10.30
CA LYS C 102 -71.15 23.07 -8.91
C LYS C 102 -72.44 22.28 -8.69
N ASN C 103 -72.56 21.84 -7.45
CA ASN C 103 -73.63 20.95 -7.03
C ASN C 103 -74.41 21.60 -5.90
N ALA D 1 -46.49 2.66 10.45
CA ALA D 1 -47.17 3.75 9.66
C ALA D 1 -48.36 4.26 10.45
N PRO D 2 -48.79 5.48 10.17
CA PRO D 2 -49.96 6.05 10.83
C PRO D 2 -51.18 5.17 10.66
N GLN D 3 -52.17 5.25 11.57
CA GLN D 3 -53.35 4.40 11.43
C GLN D 3 -54.58 5.18 11.06
N THR D 4 -54.49 6.51 11.12
CA THR D 4 -55.62 7.38 10.84
C THR D 4 -55.09 8.64 10.15
N ILE D 5 -56.02 9.38 9.53
CA ILE D 5 -55.57 10.64 8.91
C ILE D 5 -55.04 11.60 9.95
N THR D 6 -55.58 11.65 11.15
CA THR D 6 -55.13 12.60 12.17
C THR D 6 -53.72 12.27 12.67
N GLU D 7 -53.40 10.99 12.79
CA GLU D 7 -52.05 10.58 13.20
C GLU D 7 -51.04 10.93 12.10
N LEU D 8 -51.45 10.65 10.84
CA LEU D 8 -50.55 10.97 9.71
C LEU D 8 -50.40 12.47 9.61
N CYS D 9 -51.50 13.25 9.70
CA CYS D 9 -51.38 14.73 9.63
C CYS D 9 -50.47 15.26 10.72
N SER D 10 -50.48 14.66 11.91
CA SER D 10 -49.63 15.07 13.02
C SER D 10 -48.14 14.92 12.78
N GLU D 11 -47.71 14.10 11.84
CA GLU D 11 -46.28 13.93 11.57
C GLU D 11 -45.70 15.14 10.84
N TYR D 12 -46.48 16.09 10.35
CA TYR D 12 -45.99 17.25 9.62
C TYR D 12 -46.23 18.57 10.33
N ARG D 13 -45.34 19.54 10.27
CA ARG D 13 -45.66 20.85 10.83
C ARG D 13 -46.51 21.61 9.80
N ASN D 14 -47.05 22.74 10.18
CA ASN D 14 -47.83 23.60 9.32
C ASN D 14 -49.03 22.90 8.69
N THR D 15 -49.62 21.98 9.41
CA THR D 15 -50.83 21.31 8.95
C THR D 15 -51.91 21.40 10.04
N GLN D 16 -53.14 21.10 9.56
CA GLN D 16 -54.28 20.99 10.41
C GLN D 16 -55.33 20.08 9.73
N ILE D 17 -56.14 19.52 10.60
CA ILE D 17 -57.28 18.70 10.13
C ILE D 17 -58.51 19.61 10.08
N TYR D 18 -59.15 19.61 8.88
CA TYR D 18 -60.44 20.27 8.76
C TYR D 18 -61.46 19.12 8.76
N THR D 19 -62.46 19.13 9.61
CA THR D 19 -63.47 18.08 9.59
C THR D 19 -64.62 18.59 8.73
N ILE D 20 -64.84 17.88 7.63
CA ILE D 20 -65.77 18.35 6.61
C ILE D 20 -67.17 17.83 6.83
N ASN D 21 -67.30 16.50 6.85
CA ASN D 21 -68.58 15.81 6.96
C ASN D 21 -69.56 16.33 5.93
N ASP D 22 -69.16 16.39 4.65
CA ASP D 22 -69.99 16.87 3.57
C ASP D 22 -69.42 16.55 2.18
N LYS D 23 -70.31 16.57 1.19
CA LYS D 23 -69.92 16.37 -0.20
C LYS D 23 -69.33 17.70 -0.68
N ILE D 24 -68.53 17.61 -1.75
CA ILE D 24 -67.94 18.79 -2.39
C ILE D 24 -69.03 19.64 -3.06
N LEU D 25 -68.99 20.95 -2.89
CA LEU D 25 -69.97 21.84 -3.53
C LEU D 25 -69.56 22.18 -4.95
N SER D 26 -68.27 22.54 -5.12
CA SER D 26 -67.76 22.89 -6.43
C SER D 26 -66.38 22.26 -6.68
N TYR D 27 -66.20 21.91 -7.94
CA TYR D 27 -64.96 21.34 -8.45
C TYR D 27 -64.44 22.20 -9.60
N THR D 28 -63.16 22.63 -9.53
CA THR D 28 -62.55 23.44 -10.55
C THR D 28 -61.21 22.81 -10.96
N GLU D 29 -61.05 22.66 -12.28
CA GLU D 29 -59.80 22.04 -12.78
C GLU D 29 -59.20 22.86 -13.91
N SER D 30 -57.87 23.10 -13.83
CA SER D 30 -57.23 23.87 -14.87
C SER D 30 -56.08 23.14 -15.56
N MET D 31 -55.94 23.35 -16.86
CA MET D 31 -54.80 22.79 -17.60
C MET D 31 -54.01 23.97 -18.15
N ALA D 32 -54.32 25.19 -17.65
CA ALA D 32 -53.52 26.33 -18.10
C ALA D 32 -52.08 26.24 -17.63
N GLY D 33 -51.14 26.67 -18.49
CA GLY D 33 -49.73 26.56 -18.12
C GLY D 33 -49.40 27.21 -16.80
N LYS D 34 -48.68 26.53 -15.90
CA LYS D 34 -48.24 26.93 -14.60
C LYS D 34 -49.34 26.98 -13.54
N ARG D 35 -50.58 26.63 -13.94
CA ARG D 35 -51.73 26.61 -13.09
C ARG D 35 -52.47 25.28 -13.22
N GLU D 36 -51.69 24.19 -13.35
CA GLU D 36 -52.26 22.84 -13.53
C GLU D 36 -52.66 22.37 -12.13
N MET D 37 -53.91 22.66 -11.75
CA MET D 37 -54.35 22.41 -10.40
C MET D 37 -55.83 22.17 -10.26
N VAL D 38 -56.28 21.82 -9.05
CA VAL D 38 -57.68 21.56 -8.81
C VAL D 38 -58.04 22.35 -7.56
N ILE D 39 -59.23 22.97 -7.56
CA ILE D 39 -59.66 23.75 -6.41
C ILE D 39 -61.01 23.16 -6.02
N ILE D 40 -61.23 22.87 -4.75
CA ILE D 40 -62.55 22.35 -4.37
C ILE D 40 -63.19 23.32 -3.40
N THR D 41 -64.52 23.42 -3.38
CA THR D 41 -65.12 24.24 -2.33
C THR D 41 -66.22 23.45 -1.64
N PHE D 42 -66.59 23.87 -0.44
CA PHE D 42 -67.70 23.30 0.34
C PHE D 42 -68.73 24.40 0.60
N LYS D 43 -69.96 24.03 0.97
CA LYS D 43 -70.96 25.05 1.26
C LYS D 43 -70.68 25.78 2.57
N SER D 44 -69.83 25.25 3.43
CA SER D 44 -69.28 26.01 4.54
C SER D 44 -68.57 27.29 4.07
N GLY D 45 -68.07 27.35 2.85
CA GLY D 45 -67.31 28.46 2.30
C GLY D 45 -65.84 28.09 2.29
N GLU D 46 -65.49 26.94 2.85
CA GLU D 46 -64.08 26.54 2.90
C GLU D 46 -63.59 26.10 1.52
N THR D 47 -62.37 26.54 1.16
CA THR D 47 -61.82 26.29 -0.17
C THR D 47 -60.46 25.63 -0.07
N PHE D 48 -60.23 24.58 -0.88
CA PHE D 48 -58.92 23.91 -0.80
C PHE D 48 -58.33 23.68 -2.18
N GLN D 49 -57.01 23.50 -2.27
CA GLN D 49 -56.40 23.23 -3.55
C GLN D 49 -55.54 21.96 -3.49
N VAL D 50 -55.37 21.41 -4.69
CA VAL D 50 -54.30 20.40 -4.87
C VAL D 50 -53.27 21.28 -5.62
N GLU D 51 -52.12 21.53 -5.01
CA GLU D 51 -51.16 22.42 -5.67
C GLU D 51 -50.67 21.95 -7.03
N VAL D 52 -50.14 22.89 -7.81
CA VAL D 52 -49.47 22.65 -9.08
C VAL D 52 -48.21 21.85 -8.69
N PRO D 53 -47.90 20.79 -9.37
CA PRO D 53 -46.68 20.03 -9.11
C PRO D 53 -45.47 20.95 -9.22
N GLY D 54 -44.53 20.81 -8.28
CA GLY D 54 -43.37 21.71 -8.34
C GLY D 54 -42.23 21.24 -7.46
N SER D 55 -41.34 22.19 -7.23
CA SER D 55 -40.15 22.09 -6.42
C SER D 55 -40.33 21.75 -4.96
N GLN D 56 -41.53 21.92 -4.42
CA GLN D 56 -41.77 21.57 -3.03
C GLN D 56 -42.08 20.08 -2.91
N HIS D 57 -42.28 19.40 -4.04
CA HIS D 57 -42.68 18.01 -4.05
C HIS D 57 -41.50 17.09 -4.38
N ILE D 58 -41.38 15.94 -3.74
CA ILE D 58 -40.37 14.97 -4.15
C ILE D 58 -41.00 14.03 -5.15
N ASP D 59 -40.18 13.25 -5.87
CA ASP D 59 -40.58 12.39 -6.96
C ASP D 59 -41.70 11.41 -6.61
N SER D 60 -41.67 10.80 -5.42
CA SER D 60 -42.71 9.88 -5.01
C SER D 60 -44.09 10.54 -4.85
N GLN D 61 -44.18 11.86 -4.73
CA GLN D 61 -45.46 12.57 -4.69
C GLN D 61 -46.06 12.84 -6.05
N LYS D 62 -45.28 12.75 -7.13
CA LYS D 62 -45.87 13.05 -8.44
C LYS D 62 -47.05 12.14 -8.79
N LYS D 63 -46.93 10.81 -8.67
CA LYS D 63 -48.13 9.99 -8.94
C LYS D 63 -49.19 10.20 -7.88
N ALA D 64 -48.81 10.49 -6.65
CA ALA D 64 -49.79 10.72 -5.58
C ALA D 64 -50.57 12.00 -5.80
N ILE D 65 -49.95 13.06 -6.34
CA ILE D 65 -50.72 14.28 -6.67
C ILE D 65 -51.79 13.96 -7.71
N GLU D 66 -51.39 13.20 -8.74
CA GLU D 66 -52.37 12.84 -9.78
C GLU D 66 -53.47 11.97 -9.22
N ARG D 67 -53.14 11.10 -8.26
CA ARG D 67 -54.19 10.28 -7.63
C ARG D 67 -55.13 11.16 -6.81
N MET D 68 -54.60 12.13 -6.06
CA MET D 68 -55.54 13.00 -5.30
C MET D 68 -56.53 13.75 -6.17
N LYS D 69 -56.05 14.23 -7.33
CA LYS D 69 -56.97 14.94 -8.24
C LYS D 69 -58.03 13.98 -8.71
N ASP D 70 -57.63 12.74 -9.06
CA ASP D 70 -58.60 11.72 -9.47
C ASP D 70 -59.56 11.49 -8.33
N THR D 71 -59.22 11.34 -7.09
CA THR D 71 -60.17 11.12 -6.00
C THR D 71 -61.11 12.27 -5.79
N LEU D 72 -60.66 13.52 -5.95
CA LEU D 72 -61.54 14.67 -5.79
C LEU D 72 -62.62 14.74 -6.85
N ARG D 73 -62.25 14.41 -8.09
CA ARG D 73 -63.21 14.43 -9.20
C ARG D 73 -64.25 13.33 -8.98
N ILE D 74 -63.80 12.09 -8.78
CA ILE D 74 -64.85 11.05 -8.63
C ILE D 74 -65.68 11.27 -7.38
N THR D 75 -65.13 11.80 -6.30
CA THR D 75 -65.88 12.08 -5.08
C THR D 75 -66.92 13.17 -5.32
N TYR D 76 -66.52 14.17 -6.12
CA TYR D 76 -67.40 15.28 -6.51
C TYR D 76 -68.58 14.69 -7.29
N LEU D 77 -68.24 13.91 -8.34
CA LEU D 77 -69.31 13.43 -9.23
C LEU D 77 -70.29 12.46 -8.60
N THR D 78 -69.89 11.67 -7.63
CA THR D 78 -70.69 10.68 -6.93
C THR D 78 -71.36 11.28 -5.70
N GLU D 79 -71.00 12.48 -5.28
CA GLU D 79 -71.61 13.09 -4.10
C GLU D 79 -71.19 12.43 -2.81
N THR D 80 -69.98 11.86 -2.84
CA THR D 80 -69.44 11.15 -1.70
C THR D 80 -69.05 12.15 -0.59
N LYS D 81 -69.50 11.83 0.63
CA LYS D 81 -69.18 12.76 1.73
C LYS D 81 -67.72 12.64 2.15
N ILE D 82 -67.03 13.75 2.28
CA ILE D 82 -65.64 13.78 2.78
C ILE D 82 -65.73 13.85 4.31
N ASP D 83 -64.86 13.06 4.92
CA ASP D 83 -64.76 13.03 6.36
C ASP D 83 -63.89 14.21 6.78
N LYS D 84 -62.58 14.01 6.63
CA LYS D 84 -61.57 14.97 7.01
C LYS D 84 -60.62 15.30 5.87
N LEU D 85 -60.03 16.49 5.95
CA LEU D 85 -58.88 16.81 5.09
C LEU D 85 -57.69 17.17 5.98
N CYS D 86 -56.51 16.67 5.66
CA CYS D 86 -55.29 17.18 6.29
C CYS D 86 -54.72 18.18 5.30
N VAL D 87 -54.54 19.44 5.76
CA VAL D 87 -54.04 20.44 4.81
C VAL D 87 -52.85 21.23 5.31
N TRP D 88 -52.04 21.71 4.37
CA TRP D 88 -50.94 22.62 4.74
C TRP D 88 -51.58 24.00 4.85
N ASN D 89 -51.32 24.71 5.95
CA ASN D 89 -51.90 26.02 6.17
C ASN D 89 -50.92 27.16 5.86
N ASN D 90 -49.81 26.84 5.20
CA ASN D 90 -48.87 27.87 4.75
C ASN D 90 -49.04 28.15 3.25
N LYS D 91 -50.25 27.87 2.74
CA LYS D 91 -50.64 28.08 1.36
C LYS D 91 -52.06 28.64 1.32
N THR D 92 -52.40 29.42 0.33
CA THR D 92 -53.76 29.97 0.16
C THR D 92 -54.20 29.66 -1.26
N PRO D 93 -55.27 28.93 -1.51
CA PRO D 93 -56.06 28.32 -0.47
C PRO D 93 -55.29 27.21 0.21
N ASN D 94 -55.72 26.77 1.40
CA ASN D 94 -54.99 25.69 2.07
C ASN D 94 -54.80 24.48 1.14
N SER D 95 -53.70 23.77 1.30
CA SER D 95 -53.27 22.76 0.34
C SER D 95 -53.45 21.36 0.85
N ILE D 96 -54.14 20.50 0.06
CA ILE D 96 -54.45 19.17 0.55
C ILE D 96 -53.25 18.24 0.65
N ALA D 97 -53.06 17.65 1.83
CA ALA D 97 -52.04 16.64 2.03
C ALA D 97 -52.70 15.26 2.08
N ALA D 98 -53.91 15.15 2.62
CA ALA D 98 -54.55 13.83 2.75
C ALA D 98 -56.06 14.03 2.86
N ILE D 99 -56.79 12.98 2.53
CA ILE D 99 -58.25 13.04 2.60
C ILE D 99 -58.76 11.74 3.20
N SER D 100 -59.88 11.78 3.89
CA SER D 100 -60.51 10.56 4.42
C SER D 100 -61.99 10.66 4.09
N MET D 101 -62.65 9.52 3.97
CA MET D 101 -64.08 9.47 3.67
C MET D 101 -64.58 8.30 4.53
N LYS D 102 -65.80 8.42 5.03
CA LYS D 102 -66.32 7.36 5.89
C LYS D 102 -67.79 7.04 5.59
N ASN D 103 -68.08 5.77 5.57
CA ASN D 103 -69.38 5.18 5.41
C ASN D 103 -69.84 5.09 3.96
N ALA E 1 -49.85 -21.40 -11.43
CA ALA E 1 -50.12 -20.28 -10.47
C ALA E 1 -51.19 -20.62 -9.46
N PRO E 2 -51.20 -19.84 -8.38
CA PRO E 2 -52.17 -19.98 -7.33
C PRO E 2 -53.56 -19.80 -7.94
N GLN E 3 -54.55 -20.47 -7.34
CA GLN E 3 -55.90 -20.38 -7.87
C GLN E 3 -56.84 -19.65 -6.90
N THR E 4 -56.31 -19.36 -5.73
CA THR E 4 -57.12 -18.74 -4.66
C THR E 4 -56.29 -17.70 -3.93
N ILE E 5 -56.92 -16.83 -3.15
CA ILE E 5 -56.14 -15.87 -2.36
C ILE E 5 -55.36 -16.59 -1.25
N THR E 6 -56.01 -17.58 -0.63
CA THR E 6 -55.32 -18.33 0.43
C THR E 6 -54.12 -19.08 -0.08
N GLU E 7 -54.18 -19.74 -1.24
CA GLU E 7 -53.00 -20.43 -1.76
C GLU E 7 -51.84 -19.48 -2.06
N LEU E 8 -52.16 -18.33 -2.64
CA LEU E 8 -51.14 -17.32 -2.96
C LEU E 8 -50.54 -16.71 -1.71
N CYS E 9 -51.36 -16.37 -0.74
CA CYS E 9 -50.91 -15.84 0.54
C CYS E 9 -49.95 -16.78 1.26
N SER E 10 -50.11 -18.10 1.06
CA SER E 10 -49.35 -19.11 1.77
C SER E 10 -47.96 -19.30 1.22
N GLU E 11 -47.70 -18.69 0.05
CA GLU E 11 -46.40 -18.72 -0.56
C GLU E 11 -45.47 -17.72 0.14
N TYR E 12 -46.01 -16.81 0.95
CA TYR E 12 -45.20 -15.80 1.61
C TYR E 12 -45.13 -15.89 3.12
N ARG E 13 -43.93 -15.58 3.62
CA ARG E 13 -43.69 -15.59 5.07
C ARG E 13 -44.34 -14.39 5.73
N ASN E 14 -44.62 -14.45 7.04
CA ASN E 14 -45.17 -13.32 7.79
C ASN E 14 -46.45 -12.78 7.21
N THR E 15 -47.28 -13.64 6.61
CA THR E 15 -48.57 -13.19 6.09
C THR E 15 -49.67 -13.93 6.84
N GLN E 16 -50.90 -13.48 6.71
CA GLN E 16 -52.04 -14.20 7.20
C GLN E 16 -53.27 -13.66 6.42
N ILE E 17 -54.28 -14.50 6.42
CA ILE E 17 -55.55 -14.16 5.86
C ILE E 17 -56.47 -13.64 6.96
N TYR E 18 -57.14 -12.53 6.63
CA TYR E 18 -58.18 -11.98 7.46
C TYR E 18 -59.47 -12.13 6.62
N THR E 19 -60.47 -12.84 7.10
CA THR E 19 -61.70 -12.98 6.31
C THR E 19 -62.58 -11.81 6.74
N ILE E 20 -62.73 -10.81 5.87
CA ILE E 20 -63.40 -9.57 6.24
C ILE E 20 -64.91 -9.71 6.21
N ASN E 21 -65.39 -10.10 5.04
CA ASN E 21 -66.82 -10.21 4.77
C ASN E 21 -67.55 -8.95 5.20
N ASP E 22 -67.05 -7.82 4.66
CA ASP E 22 -67.73 -6.57 4.93
C ASP E 22 -67.21 -5.48 3.97
N LYS E 23 -67.92 -4.38 3.95
CA LYS E 23 -67.48 -3.26 3.12
C LYS E 23 -66.52 -2.39 3.92
N ILE E 24 -65.74 -1.57 3.22
CA ILE E 24 -64.80 -0.70 3.93
C ILE E 24 -65.57 0.36 4.72
N LEU E 25 -65.16 0.63 5.93
CA LEU E 25 -65.81 1.64 6.76
C LEU E 25 -65.22 2.99 6.34
N SER E 26 -63.88 3.03 6.32
CA SER E 26 -63.29 4.31 5.90
C SER E 26 -62.08 4.12 4.99
N TYR E 27 -61.89 5.16 4.17
CA TYR E 27 -60.81 5.19 3.19
C TYR E 27 -60.01 6.47 3.41
N THR E 28 -58.72 6.31 3.63
CA THR E 28 -57.82 7.46 3.76
C THR E 28 -56.74 7.37 2.69
N GLU E 29 -56.44 8.55 2.12
CA GLU E 29 -55.43 8.64 1.07
C GLU E 29 -54.54 9.85 1.27
N SER E 30 -53.21 9.68 1.22
CA SER E 30 -52.32 10.81 1.47
C SER E 30 -51.31 10.97 0.33
N MET E 31 -51.04 12.21 -0.04
CA MET E 31 -50.00 12.56 -1.01
C MET E 31 -48.87 13.30 -0.30
N ALA E 32 -48.88 13.19 1.02
CA ALA E 32 -47.76 13.86 1.75
C ALA E 32 -46.47 13.11 1.45
N GLY E 33 -45.32 13.79 1.43
CA GLY E 33 -44.03 13.23 1.10
C GLY E 33 -43.59 12.15 2.08
N LYS E 34 -43.30 10.97 1.56
CA LYS E 34 -42.91 9.80 2.35
C LYS E 34 -44.09 9.18 3.08
N ARG E 35 -45.32 9.63 2.77
CA ARG E 35 -46.52 9.04 3.34
C ARG E 35 -47.54 8.87 2.21
N GLU E 36 -47.01 8.54 1.01
CA GLU E 36 -47.88 8.35 -0.17
C GLU E 36 -48.50 6.95 -0.10
N MET E 37 -49.67 6.88 0.56
CA MET E 37 -50.23 5.61 0.99
C MET E 37 -51.75 5.71 1.15
N VAL E 38 -52.35 4.54 1.33
CA VAL E 38 -53.80 4.47 1.56
C VAL E 38 -54.02 3.59 2.80
N ILE E 39 -54.98 3.99 3.64
CA ILE E 39 -55.32 3.25 4.84
C ILE E 39 -56.83 2.94 4.80
N ILE E 40 -57.20 1.69 5.03
CA ILE E 40 -58.61 1.34 5.11
C ILE E 40 -58.92 0.81 6.51
N THR E 41 -60.15 1.04 6.97
CA THR E 41 -60.57 0.51 8.27
C THR E 41 -61.93 -0.19 8.08
N PHE E 42 -62.27 -1.07 9.01
CA PHE E 42 -63.53 -1.80 8.98
C PHE E 42 -64.27 -1.61 10.29
N LYS E 43 -65.57 -1.85 10.29
CA LYS E 43 -66.46 -1.72 11.43
C LYS E 43 -65.95 -2.52 12.63
N SER E 44 -65.23 -3.58 12.39
CA SER E 44 -64.59 -4.47 13.31
C SER E 44 -63.47 -3.82 14.10
N GLY E 45 -62.92 -2.71 13.62
CA GLY E 45 -61.85 -2.01 14.30
C GLY E 45 -60.51 -2.29 13.61
N GLU E 46 -60.48 -3.26 12.69
CA GLU E 46 -59.23 -3.61 12.03
C GLU E 46 -58.88 -2.56 10.99
N THR E 47 -57.58 -2.31 10.91
CA THR E 47 -57.01 -1.28 10.03
C THR E 47 -55.87 -1.88 9.21
N PHE E 48 -55.80 -1.53 7.93
CA PHE E 48 -54.78 -2.06 7.04
C PHE E 48 -54.23 -0.90 6.20
N GLN E 49 -53.04 -1.08 5.61
CA GLN E 49 -52.48 -0.08 4.73
C GLN E 49 -52.02 -0.70 3.41
N VAL E 50 -51.90 0.17 2.43
CA VAL E 50 -51.13 -0.17 1.21
C VAL E 50 -49.83 0.62 1.52
N GLU E 51 -48.70 -0.06 1.68
CA GLU E 51 -47.54 0.71 2.15
C GLU E 51 -47.00 1.70 1.13
N VAL E 52 -46.27 2.69 1.61
CA VAL E 52 -45.57 3.61 0.72
C VAL E 52 -44.57 2.78 -0.07
N PRO E 53 -44.40 3.00 -1.34
CA PRO E 53 -43.46 2.23 -2.17
C PRO E 53 -42.04 2.45 -1.69
N GLY E 54 -41.24 1.41 -1.46
CA GLY E 54 -39.91 1.67 -0.88
C GLY E 54 -38.92 0.60 -1.35
N SER E 55 -37.78 0.51 -0.64
CA SER E 55 -36.70 -0.36 -1.13
C SER E 55 -37.03 -1.84 -1.03
N GLN E 56 -38.07 -2.24 -0.32
CA GLN E 56 -38.45 -3.63 -0.22
C GLN E 56 -39.22 -4.06 -1.49
N HIS E 57 -39.74 -3.12 -2.26
CA HIS E 57 -40.50 -3.50 -3.47
C HIS E 57 -39.65 -3.72 -4.69
N ILE E 58 -40.12 -4.54 -5.64
CA ILE E 58 -39.35 -4.75 -6.87
C ILE E 58 -40.07 -3.99 -7.97
N ASP E 59 -39.44 -3.80 -9.12
CA ASP E 59 -40.06 -3.01 -10.17
C ASP E 59 -41.44 -3.49 -10.60
N SER E 60 -41.66 -4.80 -10.70
CA SER E 60 -42.95 -5.32 -11.07
C SER E 60 -44.03 -4.97 -10.06
N GLN E 61 -43.72 -4.60 -8.82
CA GLN E 61 -44.76 -4.21 -7.88
C GLN E 61 -45.17 -2.74 -8.09
N LYS E 62 -44.37 -1.93 -8.77
CA LYS E 62 -44.75 -0.50 -8.88
C LYS E 62 -46.14 -0.34 -9.47
N LYS E 63 -46.48 -0.92 -10.61
CA LYS E 63 -47.84 -0.72 -11.12
C LYS E 63 -48.89 -1.42 -10.25
N ALA E 64 -48.53 -2.56 -9.66
CA ALA E 64 -49.45 -3.35 -8.85
C ALA E 64 -49.80 -2.62 -7.56
N ILE E 65 -48.86 -1.81 -7.07
CA ILE E 65 -49.15 -0.96 -5.93
C ILE E 65 -50.21 0.08 -6.27
N GLU E 66 -49.99 0.72 -7.43
CA GLU E 66 -50.96 1.73 -7.84
C GLU E 66 -52.32 1.10 -8.16
N ARG E 67 -52.33 -0.11 -8.69
CA ARG E 67 -53.62 -0.77 -8.96
C ARG E 67 -54.35 -1.07 -7.67
N MET E 68 -53.66 -1.62 -6.66
CA MET E 68 -54.37 -1.95 -5.40
C MET E 68 -54.97 -0.71 -4.76
N LYS E 69 -54.30 0.45 -4.76
CA LYS E 69 -54.97 1.67 -4.26
C LYS E 69 -56.16 2.04 -5.15
N ASP E 70 -56.00 1.84 -6.48
CA ASP E 70 -57.14 2.12 -7.35
C ASP E 70 -58.30 1.23 -6.91
N THR E 71 -58.06 -0.08 -6.79
CA THR E 71 -59.13 -1.00 -6.36
C THR E 71 -59.76 -0.68 -5.02
N LEU E 72 -58.99 -0.36 -3.98
CA LEU E 72 -59.61 0.01 -2.71
C LEU E 72 -60.50 1.23 -2.83
N ARG E 73 -60.06 2.24 -3.56
CA ARG E 73 -60.87 3.45 -3.75
C ARG E 73 -62.21 3.06 -4.38
N ILE E 74 -62.20 2.34 -5.51
CA ILE E 74 -63.50 2.07 -6.16
C ILE E 74 -64.36 1.09 -5.39
N THR E 75 -63.74 0.25 -4.59
CA THR E 75 -64.39 -0.71 -3.70
C THR E 75 -65.08 0.04 -2.58
N TYR E 76 -64.41 1.05 -2.01
CA TYR E 76 -65.03 1.92 -1.02
C TYR E 76 -66.24 2.66 -1.55
N LEU E 77 -66.06 3.39 -2.67
CA LEU E 77 -67.09 4.21 -3.27
C LEU E 77 -68.34 3.44 -3.66
N THR E 78 -68.17 2.20 -4.05
CA THR E 78 -69.30 1.38 -4.51
C THR E 78 -69.88 0.58 -3.35
N GLU E 79 -69.28 0.66 -2.18
CA GLU E 79 -69.70 -0.05 -0.97
C GLU E 79 -69.70 -1.55 -1.22
N THR E 80 -68.64 -2.00 -1.90
CA THR E 80 -68.49 -3.39 -2.29
C THR E 80 -67.84 -4.21 -1.16
N LYS E 81 -68.50 -5.35 -0.92
CA LYS E 81 -68.03 -6.22 0.18
C LYS E 81 -66.74 -6.93 -0.16
N ILE E 82 -65.78 -6.85 0.75
CA ILE E 82 -64.50 -7.50 0.65
C ILE E 82 -64.65 -8.86 1.36
N ASP E 83 -64.15 -9.87 0.72
CA ASP E 83 -64.15 -11.24 1.24
C ASP E 83 -62.88 -11.38 2.12
N LYS E 84 -61.75 -11.60 1.51
CA LYS E 84 -60.53 -11.74 2.31
C LYS E 84 -59.44 -10.76 1.88
N LEU E 85 -58.52 -10.53 2.77
CA LEU E 85 -57.32 -9.75 2.59
C LEU E 85 -56.16 -10.68 2.98
N CYS E 86 -55.12 -10.65 2.16
CA CYS E 86 -53.91 -11.38 2.49
C CYS E 86 -52.98 -10.26 2.95
N VAL E 87 -52.52 -10.26 4.22
CA VAL E 87 -51.68 -9.13 4.62
C VAL E 87 -50.35 -9.56 5.23
N TRP E 88 -49.32 -8.73 5.18
CA TRP E 88 -48.07 -8.96 5.88
C TRP E 88 -48.26 -8.45 7.32
N ASN E 89 -47.85 -9.30 8.26
CA ASN E 89 -48.09 -8.95 9.66
C ASN E 89 -46.82 -8.46 10.33
N ASN E 90 -45.77 -8.16 9.58
CA ASN E 90 -44.55 -7.61 10.13
C ASN E 90 -44.52 -6.09 9.93
N LYS E 91 -45.73 -5.53 9.76
CA LYS E 91 -45.95 -4.09 9.63
C LYS E 91 -47.16 -3.69 10.46
N THR E 92 -47.23 -2.43 10.88
CA THR E 92 -48.39 -1.86 11.57
C THR E 92 -48.76 -0.53 10.92
N PRO E 93 -50.02 -0.42 10.50
CA PRO E 93 -50.98 -1.49 10.47
C PRO E 93 -50.56 -2.56 9.45
N ASN E 94 -51.19 -3.73 9.51
CA ASN E 94 -50.85 -4.83 8.61
C ASN E 94 -50.98 -4.34 7.17
N SER E 95 -50.08 -4.79 6.32
CA SER E 95 -49.93 -4.37 4.95
C SER E 95 -50.56 -5.30 3.92
N ILE E 96 -51.34 -4.71 3.00
CA ILE E 96 -52.10 -5.52 2.08
C ILE E 96 -51.25 -6.09 0.96
N ALA E 97 -51.34 -7.41 0.79
CA ALA E 97 -50.64 -8.06 -0.32
C ALA E 97 -51.63 -8.48 -1.41
N ALA E 98 -52.83 -8.85 -1.04
CA ALA E 98 -53.88 -9.28 -1.99
C ALA E 98 -55.26 -9.09 -1.38
N ILE E 99 -56.26 -8.97 -2.24
CA ILE E 99 -57.64 -8.82 -1.78
C ILE E 99 -58.53 -9.73 -2.65
N SER E 100 -59.66 -10.14 -2.10
CA SER E 100 -60.63 -10.93 -2.86
C SER E 100 -62.01 -10.36 -2.49
N MET E 101 -62.92 -10.47 -3.46
CA MET E 101 -64.28 -10.02 -3.34
C MET E 101 -65.16 -11.10 -3.99
N LYS E 102 -66.37 -11.32 -3.43
CA LYS E 102 -67.23 -12.30 -4.13
C LYS E 102 -68.68 -11.89 -4.02
N ASN E 103 -69.43 -12.19 -5.08
CA ASN E 103 -70.82 -11.80 -5.24
C ASN E 103 -71.72 -13.01 -5.48
N ALA F 1 52.18 21.71 20.08
CA ALA F 1 52.88 20.64 20.89
C ALA F 1 54.31 21.03 21.24
N PRO F 2 54.89 20.40 22.27
CA PRO F 2 56.27 20.66 22.65
C PRO F 2 57.27 20.38 21.54
N GLN F 3 58.41 21.08 21.49
CA GLN F 3 59.39 20.79 20.43
C GLN F 3 60.66 20.15 20.91
N THR F 4 60.79 19.98 22.22
CA THR F 4 61.98 19.38 22.78
C THR F 4 61.58 18.50 23.96
N ILE F 5 62.47 17.60 24.37
CA ILE F 5 62.08 16.76 25.52
C ILE F 5 61.99 17.59 26.79
N THR F 6 62.79 18.67 26.91
CA THR F 6 62.77 19.50 28.11
C THR F 6 61.43 20.24 28.21
N GLU F 7 60.93 20.72 27.07
CA GLU F 7 59.64 21.37 27.04
C GLU F 7 58.49 20.44 27.44
N LEU F 8 58.51 19.21 26.96
CA LEU F 8 57.52 18.19 27.29
C LEU F 8 57.43 17.89 28.78
N CYS F 9 58.67 17.54 29.24
CA CYS F 9 58.96 17.18 30.61
C CYS F 9 58.41 18.23 31.58
N SER F 10 58.57 19.51 31.23
CA SER F 10 58.12 20.58 32.09
C SER F 10 56.60 20.70 32.15
N GLU F 11 55.88 20.03 31.25
CA GLU F 11 54.41 20.04 31.33
C GLU F 11 53.88 19.14 32.43
N TYR F 12 54.73 18.30 32.98
CA TYR F 12 54.37 17.35 34.00
C TYR F 12 54.95 17.63 35.39
N ARG F 13 54.14 17.30 36.40
CA ARG F 13 54.62 17.46 37.77
C ARG F 13 55.32 16.18 38.18
N ASN F 14 56.20 16.23 39.19
CA ASN F 14 56.98 15.10 39.63
C ASN F 14 57.93 14.58 38.55
N THR F 15 58.56 15.49 37.81
CA THR F 15 59.48 14.99 36.79
C THR F 15 60.79 15.77 36.92
N GLN F 16 61.79 15.25 36.21
CA GLN F 16 63.05 15.95 36.08
C GLN F 16 63.73 15.34 34.85
N ILE F 17 64.66 16.11 34.31
CA ILE F 17 65.45 15.67 33.18
C ILE F 17 66.77 15.18 33.70
N TYR F 18 67.15 13.99 33.25
CA TYR F 18 68.49 13.47 33.42
C TYR F 18 69.24 13.59 32.09
N THR F 19 70.38 14.25 32.12
CA THR F 19 71.22 14.40 30.95
C THR F 19 72.16 13.21 30.99
N ILE F 20 71.85 12.15 30.26
CA ILE F 20 72.61 10.89 30.34
C ILE F 20 73.89 10.90 29.50
N ASN F 21 73.71 11.31 28.25
CA ASN F 21 74.83 11.39 27.30
C ASN F 21 75.70 10.16 27.33
N ASP F 22 75.09 8.98 27.17
CA ASP F 22 75.85 7.73 27.23
C ASP F 22 74.96 6.60 26.74
N LYS F 23 75.60 5.49 26.45
CA LYS F 23 74.82 4.33 26.02
C LYS F 23 74.37 3.58 27.26
N ILE F 24 73.39 2.67 27.06
CA ILE F 24 72.90 1.93 28.22
C ILE F 24 73.95 0.87 28.64
N LEU F 25 74.18 0.76 29.93
CA LEU F 25 75.11 -0.26 30.43
C LEU F 25 74.39 -1.60 30.55
N SER F 26 73.22 -1.61 31.17
CA SER F 26 72.54 -2.92 31.27
C SER F 26 71.08 -2.77 30.88
N TYR F 27 70.51 -3.85 30.35
CA TYR F 27 69.10 -3.94 29.99
C TYR F 27 68.55 -5.23 30.62
N THR F 28 67.40 -5.06 31.24
CA THR F 28 66.73 -6.13 31.99
C THR F 28 65.25 -6.11 31.60
N GLU F 29 64.72 -7.30 31.30
CA GLU F 29 63.34 -7.42 30.77
C GLU F 29 62.72 -8.57 31.55
N SER F 30 61.51 -8.34 32.06
CA SER F 30 60.82 -9.33 32.85
C SER F 30 59.41 -9.62 32.32
N MET F 31 59.10 -10.91 32.21
CA MET F 31 57.71 -11.27 31.87
C MET F 31 57.04 -11.92 33.08
N ALA F 32 57.62 -11.74 34.27
CA ALA F 32 57.00 -12.37 35.45
C ALA F 32 55.72 -11.67 35.83
N GLY F 33 54.71 -12.41 36.30
CA GLY F 33 53.43 -11.82 36.66
C GLY F 33 53.49 -10.64 37.60
N LYS F 34 52.88 -9.50 37.24
CA LYS F 34 52.86 -8.29 38.04
C LYS F 34 54.17 -7.51 38.01
N ARG F 35 55.21 -8.03 37.38
CA ARG F 35 56.49 -7.38 37.16
C ARG F 35 56.83 -7.39 35.68
N GLU F 36 55.88 -7.07 34.81
CA GLU F 36 56.13 -7.03 33.37
C GLU F 36 56.74 -5.68 33.03
N MET F 37 58.07 -5.59 33.12
CA MET F 37 58.68 -4.27 33.02
C MET F 37 60.09 -4.36 32.43
N VAL F 38 60.67 -3.19 32.20
CA VAL F 38 62.08 -3.16 31.75
C VAL F 38 62.83 -2.22 32.69
N ILE F 39 64.07 -2.57 32.99
CA ILE F 39 64.92 -1.73 33.84
C ILE F 39 66.21 -1.50 33.07
N ILE F 40 66.71 -0.28 33.02
CA ILE F 40 68.01 0.01 32.39
C ILE F 40 68.92 0.68 33.41
N THR F 41 70.23 0.56 33.24
CA THR F 41 71.20 1.15 34.15
C THR F 41 72.33 1.74 33.29
N PHE F 42 72.99 2.76 33.81
CA PHE F 42 74.07 3.45 33.14
C PHE F 42 75.33 3.35 34.03
N LYS F 43 76.50 3.48 33.44
CA LYS F 43 77.71 3.38 34.25
C LYS F 43 77.80 4.51 35.25
N SER F 44 77.04 5.60 35.12
CA SER F 44 76.90 6.59 36.17
C SER F 44 76.38 6.00 37.48
N GLY F 45 75.66 4.90 37.49
CA GLY F 45 75.05 4.26 38.64
C GLY F 45 73.53 4.45 38.63
N GLU F 46 73.02 5.27 37.71
CA GLU F 46 71.59 5.53 37.67
C GLU F 46 70.81 4.34 37.12
N THR F 47 69.65 4.09 37.72
CA THR F 47 68.76 3.02 37.27
C THR F 47 67.37 3.55 36.93
N PHE F 48 66.74 3.17 35.83
CA PHE F 48 65.43 3.70 35.48
C PHE F 48 64.52 2.55 35.05
N GLN F 49 63.22 2.73 35.24
CA GLN F 49 62.33 1.67 34.75
C GLN F 49 61.32 2.19 33.74
N VAL F 50 60.69 1.21 33.08
CA VAL F 50 59.44 1.49 32.34
C VAL F 50 58.44 0.74 33.23
N GLU F 51 57.51 1.43 33.84
CA GLU F 51 56.65 0.83 34.84
C GLU F 51 55.72 -0.24 34.30
N VAL F 52 55.27 -1.14 35.16
CA VAL F 52 54.24 -2.12 34.73
C VAL F 52 52.97 -1.32 34.44
N PRO F 53 52.26 -1.62 33.38
CA PRO F 53 51.03 -0.87 33.05
C PRO F 53 50.10 -0.97 34.26
N GLY F 54 49.52 0.15 34.67
CA GLY F 54 48.63 0.13 35.83
C GLY F 54 47.50 1.13 35.70
N SER F 55 46.81 1.39 36.82
CA SER F 55 45.70 2.32 36.84
C SER F 55 46.10 3.78 36.75
N GLN F 56 47.37 4.10 36.92
CA GLN F 56 47.87 5.43 36.66
C GLN F 56 47.93 5.70 35.15
N HIS F 57 47.95 4.66 34.30
CA HIS F 57 48.04 4.95 32.88
C HIS F 57 46.67 5.09 32.22
N ILE F 58 46.55 5.89 31.18
CA ILE F 58 45.28 6.01 30.43
C ILE F 58 45.39 5.15 29.21
N ASP F 59 44.30 4.83 28.50
CA ASP F 59 44.44 3.86 27.40
C ASP F 59 45.32 4.31 26.27
N SER F 60 45.52 5.59 26.02
CA SER F 60 46.36 6.12 24.95
C SER F 60 47.82 5.84 25.21
N GLN F 61 48.19 5.50 26.43
CA GLN F 61 49.53 5.14 26.82
C GLN F 61 49.82 3.67 26.61
N LYS F 62 48.84 2.79 26.40
CA LYS F 62 49.15 1.36 26.34
C LYS F 62 50.12 1.04 25.19
N LYS F 63 49.85 1.61 24.01
CA LYS F 63 50.83 1.27 22.95
C LYS F 63 52.14 1.99 23.16
N ALA F 64 52.12 3.19 23.72
CA ALA F 64 53.34 3.97 23.94
C ALA F 64 54.26 3.31 24.95
N ILE F 65 53.72 2.68 26.00
CA ILE F 65 54.55 1.97 26.98
C ILE F 65 55.27 0.83 26.26
N GLU F 66 54.54 0.08 25.41
CA GLU F 66 55.18 -0.98 24.64
C GLU F 66 56.24 -0.47 23.67
N ARG F 67 55.98 0.66 23.01
CA ARG F 67 56.97 1.28 22.14
C ARG F 67 58.23 1.65 22.93
N MET F 68 58.09 2.21 24.10
CA MET F 68 59.25 2.68 24.88
C MET F 68 60.17 1.49 25.18
N LYS F 69 59.57 0.39 25.61
CA LYS F 69 60.34 -0.84 25.89
C LYS F 69 61.00 -1.31 24.60
N ASP F 70 60.29 -1.29 23.46
CA ASP F 70 60.95 -1.65 22.19
C ASP F 70 62.16 -0.73 21.99
N THR F 71 61.98 0.58 22.17
CA THR F 71 63.05 1.54 21.97
C THR F 71 64.22 1.28 22.89
N LEU F 72 63.97 0.97 24.15
CA LEU F 72 65.18 0.71 25.00
C LEU F 72 65.91 -0.54 24.54
N ARG F 73 65.21 -1.60 24.08
CA ARG F 73 65.94 -2.80 23.66
C ARG F 73 66.84 -2.51 22.47
N ILE F 74 66.31 -1.90 21.39
CA ILE F 74 67.13 -1.64 20.21
C ILE F 74 68.22 -0.61 20.48
N THR F 75 67.90 0.38 21.34
CA THR F 75 68.92 1.34 21.76
C THR F 75 70.06 0.58 22.46
N TYR F 76 69.72 -0.34 23.36
CA TYR F 76 70.78 -1.10 24.05
C TYR F 76 71.61 -1.89 23.06
N LEU F 77 70.98 -2.68 22.20
CA LEU F 77 71.70 -3.56 21.27
C LEU F 77 72.51 -2.81 20.24
N THR F 78 72.15 -1.59 19.88
CA THR F 78 72.94 -0.82 18.91
C THR F 78 73.96 0.05 19.59
N GLU F 79 74.04 -0.01 20.92
CA GLU F 79 74.94 0.83 21.69
C GLU F 79 74.75 2.30 21.32
N THR F 80 73.49 2.70 21.10
CA THR F 80 73.21 4.10 20.72
C THR F 80 73.22 4.96 21.97
N LYS F 81 73.86 6.12 21.88
CA LYS F 81 73.92 7.04 22.98
C LYS F 81 72.60 7.77 23.26
N ILE F 82 72.18 7.71 24.51
CA ILE F 82 70.97 8.42 24.92
C ILE F 82 71.34 9.81 25.43
N ASP F 83 70.58 10.82 24.98
CA ASP F 83 70.93 12.20 25.32
C ASP F 83 70.23 12.50 26.63
N LYS F 84 68.91 12.70 26.65
CA LYS F 84 68.22 12.97 27.90
C LYS F 84 67.11 11.95 28.16
N LEU F 85 66.78 11.80 29.45
CA LEU F 85 65.62 11.06 29.87
C LEU F 85 64.75 12.09 30.66
N CYS F 86 63.45 12.04 30.44
CA CYS F 86 62.49 12.78 31.26
C CYS F 86 61.89 11.69 32.17
N VAL F 87 62.02 11.82 33.48
CA VAL F 87 61.54 10.74 34.33
C VAL F 87 60.60 11.26 35.43
N TRP F 88 59.71 10.34 35.85
CA TRP F 88 58.92 10.66 37.04
C TRP F 88 59.78 10.29 38.25
N ASN F 89 59.95 11.21 39.17
CA ASN F 89 60.80 10.97 40.34
C ASN F 89 59.96 10.64 41.57
N ASN F 90 58.69 10.31 41.41
CA ASN F 90 57.82 9.89 42.51
C ASN F 90 57.71 8.37 42.49
N LYS F 91 58.64 7.68 41.82
CA LYS F 91 58.70 6.25 41.68
C LYS F 91 60.16 5.86 41.91
N THR F 92 60.37 4.62 42.29
CA THR F 92 61.72 4.10 42.47
C THR F 92 61.77 2.68 41.90
N PRO F 93 62.66 2.46 40.95
CA PRO F 93 63.53 3.48 40.40
C PRO F 93 62.78 4.52 39.59
N ASN F 94 63.43 5.61 39.18
CA ASN F 94 62.65 6.67 38.53
C ASN F 94 62.05 6.03 37.26
N SER F 95 60.92 6.59 36.85
CA SER F 95 60.14 6.05 35.75
C SER F 95 60.25 6.84 34.45
N ILE F 96 60.50 6.19 33.33
CA ILE F 96 60.70 6.93 32.08
C ILE F 96 59.42 7.45 31.45
N ALA F 97 59.35 8.76 31.23
CA ALA F 97 58.27 9.42 30.53
C ALA F 97 58.68 9.64 29.07
N ALA F 98 59.93 10.03 28.84
CA ALA F 98 60.38 10.29 27.49
C ALA F 98 61.90 10.09 27.37
N ILE F 99 62.34 10.01 26.12
CA ILE F 99 63.74 9.77 25.82
C ILE F 99 64.16 10.56 24.60
N SER F 100 65.40 11.05 24.57
CA SER F 100 65.89 11.75 23.40
C SER F 100 67.27 11.16 23.08
N MET F 101 67.64 11.24 21.81
CA MET F 101 68.97 10.73 21.39
C MET F 101 69.39 11.62 20.24
N LYS F 102 70.65 12.03 20.21
CA LYS F 102 71.14 13.01 19.24
C LYS F 102 72.34 12.51 18.44
N ASN F 103 72.43 12.86 17.17
CA ASN F 103 73.41 12.54 16.15
C ASN F 103 73.03 11.36 15.28
N ALA G 1 46.10 5.90 -7.96
CA ALA G 1 46.67 6.54 -6.74
C ALA G 1 47.86 7.42 -7.05
N PRO G 2 48.23 8.26 -6.08
CA PRO G 2 49.42 9.09 -6.20
C PRO G 2 50.64 8.23 -6.44
N GLN G 3 51.52 8.72 -7.31
CA GLN G 3 52.72 7.98 -7.68
C GLN G 3 53.96 8.45 -6.95
N THR G 4 53.86 9.64 -6.33
CA THR G 4 54.98 10.24 -5.61
C THR G 4 54.49 10.93 -4.33
N ILE G 5 55.44 11.26 -3.43
CA ILE G 5 55.04 11.93 -2.19
C ILE G 5 54.47 13.31 -2.46
N THR G 6 54.93 14.00 -3.49
CA THR G 6 54.46 15.33 -3.86
C THR G 6 53.03 15.25 -4.38
N GLU G 7 52.78 14.30 -5.28
CA GLU G 7 51.38 14.13 -5.72
C GLU G 7 50.42 13.81 -4.58
N LEU G 8 50.82 12.94 -3.66
CA LEU G 8 50.00 12.60 -2.50
C LEU G 8 49.75 13.80 -1.60
N CYS G 9 50.82 14.54 -1.32
CA CYS G 9 50.78 15.72 -0.46
C CYS G 9 49.82 16.76 -1.00
N SER G 10 49.79 16.94 -2.32
CA SER G 10 48.95 17.89 -3.03
C SER G 10 47.48 17.54 -2.98
N GLU G 11 47.11 16.33 -2.58
CA GLU G 11 45.68 16.02 -2.37
C GLU G 11 45.17 16.65 -1.09
N TYR G 12 46.00 17.20 -0.22
CA TYR G 12 45.53 17.74 1.07
C TYR G 12 45.80 19.23 1.19
N ARG G 13 44.87 20.01 1.75
CA ARG G 13 45.15 21.42 1.99
C ARG G 13 45.99 21.52 3.25
N ASN G 14 46.61 22.65 3.49
CA ASN G 14 47.41 22.92 4.69
C ASN G 14 48.65 22.04 4.75
N THR G 15 49.20 21.65 3.60
CA THR G 15 50.36 20.80 3.59
C THR G 15 51.45 21.45 2.72
N GLN G 16 52.67 20.98 2.93
CA GLN G 16 53.76 21.39 2.07
C GLN G 16 54.82 20.26 2.10
N ILE G 17 55.64 20.32 1.04
CA ILE G 17 56.77 19.39 0.98
C ILE G 17 58.00 20.11 1.53
N TYR G 18 58.71 19.38 2.38
CA TYR G 18 60.04 19.82 2.83
C TYR G 18 61.07 18.90 2.19
N THR G 19 62.05 19.42 1.44
CA THR G 19 63.12 18.51 0.98
C THR G 19 64.17 18.58 2.09
N ILE G 20 64.45 17.44 2.70
CA ILE G 20 65.40 17.36 3.80
C ILE G 20 66.78 17.05 3.22
N ASN G 21 66.85 15.90 2.55
CA ASN G 21 68.14 15.39 2.05
C ASN G 21 69.16 15.26 3.17
N ASP G 22 68.79 14.65 4.27
CA ASP G 22 69.69 14.49 5.40
C ASP G 22 69.14 13.43 6.33
N LYS G 23 70.03 12.93 7.18
CA LYS G 23 69.66 11.99 8.21
C LYS G 23 69.06 12.83 9.35
N ILE G 24 68.35 12.14 10.23
CA ILE G 24 67.73 12.77 11.39
C ILE G 24 68.79 13.16 12.40
N LEU G 25 68.75 14.37 12.92
CA LEU G 25 69.75 14.80 13.92
C LEU G 25 69.34 14.30 15.31
N SER G 26 68.06 14.56 15.69
CA SER G 26 67.67 14.07 17.01
C SER G 26 66.28 13.41 16.97
N TYR G 27 66.14 12.38 17.80
CA TYR G 27 64.91 11.62 17.92
C TYR G 27 64.38 11.72 19.34
N THR G 28 63.14 12.15 19.55
CA THR G 28 62.60 12.24 20.90
C THR G 28 61.29 11.44 20.94
N GLU G 29 61.11 10.63 21.99
CA GLU G 29 59.86 9.81 22.02
C GLU G 29 59.22 9.91 23.38
N SER G 30 57.90 10.18 23.46
CA SER G 30 57.29 10.31 24.76
C SER G 30 56.15 9.32 25.01
N MET G 31 56.09 8.73 26.21
CA MET G 31 54.97 7.86 26.55
C MET G 31 54.13 8.53 27.66
N ALA G 32 54.41 9.84 27.88
CA ALA G 32 53.66 10.60 28.88
C ALA G 32 52.22 10.81 28.43
N GLY G 33 51.26 10.69 29.35
CA GLY G 33 49.85 10.79 29.02
C GLY G 33 49.45 12.07 28.33
N LYS G 34 48.71 11.98 27.21
CA LYS G 34 48.31 13.12 26.40
C LYS G 34 49.44 13.74 25.58
N ARG G 35 50.63 13.16 25.60
CA ARG G 35 51.80 13.52 24.82
C ARG G 35 52.49 12.25 24.25
N GLU G 36 51.72 11.25 23.84
CA GLU G 36 52.30 10.03 23.21
C GLU G 36 52.65 10.42 21.79
N MET G 37 53.90 10.90 21.60
CA MET G 37 54.31 11.42 20.32
C MET G 37 55.82 11.24 20.10
N VAL G 38 56.21 11.55 18.87
CA VAL G 38 57.63 11.46 18.50
C VAL G 38 57.96 12.82 17.90
N ILE G 39 59.14 13.33 18.16
CA ILE G 39 59.63 14.59 17.62
C ILE G 39 61.02 14.38 17.01
N ILE G 40 61.21 14.87 15.79
CA ILE G 40 62.54 14.72 15.16
C ILE G 40 63.01 16.12 14.75
N THR G 41 64.34 16.24 14.75
CA THR G 41 64.91 17.53 14.29
C THR G 41 66.05 17.19 13.32
N PHE G 42 66.39 18.20 12.52
CA PHE G 42 67.48 18.10 11.58
C PHE G 42 68.51 19.20 11.84
N LYS G 43 69.64 19.07 11.15
CA LYS G 43 70.74 20.07 11.34
C LYS G 43 70.40 21.41 10.71
N SER G 44 69.45 21.45 9.83
CA SER G 44 68.81 22.57 9.17
C SER G 44 68.15 23.47 10.20
N GLY G 45 67.77 22.95 11.36
CA GLY G 45 67.12 23.71 12.42
C GLY G 45 65.62 23.42 12.44
N GLU G 46 65.13 22.54 11.58
CA GLU G 46 63.68 22.26 11.51
C GLU G 46 63.29 21.16 12.50
N THR G 47 62.11 21.32 13.09
CA THR G 47 61.54 20.37 14.01
C THR G 47 60.18 19.87 13.47
N PHE G 48 59.93 18.58 13.54
CA PHE G 48 58.69 17.98 13.04
C PHE G 48 58.14 16.98 14.04
N GLN G 49 56.83 16.84 14.10
CA GLN G 49 56.28 15.86 15.05
C GLN G 49 55.40 14.83 14.32
N VAL G 50 55.30 13.69 15.02
CA VAL G 50 54.18 12.76 14.67
C VAL G 50 53.21 13.09 15.81
N GLU G 51 51.99 13.55 15.46
CA GLU G 51 51.03 13.93 16.46
C GLU G 51 50.53 12.81 17.36
N VAL G 52 50.09 13.23 18.57
CA VAL G 52 49.39 12.30 19.46
C VAL G 52 48.09 11.93 18.76
N PRO G 53 47.73 10.66 18.69
CA PRO G 53 46.44 10.27 18.11
C PRO G 53 45.31 11.08 18.72
N GLY G 54 44.42 11.61 17.88
CA GLY G 54 43.29 12.41 18.45
C GLY G 54 42.10 12.24 17.53
N SER G 55 41.07 13.07 17.76
CA SER G 55 39.89 12.74 16.89
C SER G 55 39.93 13.41 15.54
N GLN G 56 41.12 13.92 15.13
CA GLN G 56 41.37 14.49 13.82
C GLN G 56 41.84 13.32 12.92
N HIS G 57 42.10 12.20 13.60
CA HIS G 57 42.55 10.98 12.96
C HIS G 57 41.42 9.94 12.85
N ILE G 58 41.46 9.13 11.81
CA ILE G 58 40.42 8.13 11.59
C ILE G 58 41.03 6.79 11.99
N ASP G 59 40.17 5.77 12.19
CA ASP G 59 40.63 4.46 12.62
C ASP G 59 41.67 3.86 11.69
N SER G 60 41.57 4.06 10.39
CA SER G 60 42.49 3.63 9.35
C SER G 60 43.93 4.06 9.60
N GLN G 61 44.10 5.24 10.16
CA GLN G 61 45.36 5.89 10.44
C GLN G 61 46.05 5.41 11.70
N LYS G 62 45.29 4.73 12.57
CA LYS G 62 45.83 4.24 13.85
C LYS G 62 47.08 3.44 13.57
N LYS G 63 46.97 2.41 12.73
CA LYS G 63 48.17 1.61 12.44
C LYS G 63 49.22 2.43 11.71
N ALA G 64 48.79 3.35 10.84
CA ALA G 64 49.75 4.10 10.04
C ALA G 64 50.56 5.07 10.88
N ILE G 65 49.92 5.65 11.89
CA ILE G 65 50.66 6.54 12.83
C ILE G 65 51.71 5.72 13.57
N GLU G 66 51.30 4.54 14.05
CA GLU G 66 52.28 3.64 14.71
C GLU G 66 53.43 3.26 13.79
N ARG G 67 53.15 3.00 12.51
CA ARG G 67 54.18 2.62 11.55
C ARG G 67 55.15 3.77 11.28
N MET G 68 54.61 4.99 11.16
CA MET G 68 55.46 6.17 10.92
C MET G 68 56.41 6.35 12.11
N LYS G 69 55.94 6.16 13.35
CA LYS G 69 56.89 6.28 14.47
C LYS G 69 57.94 5.19 14.42
N ASP G 70 57.55 3.96 14.02
CA ASP G 70 58.53 2.91 13.84
C ASP G 70 59.57 3.24 12.76
N THR G 71 59.10 3.83 11.67
CA THR G 71 60.05 4.16 10.57
C THR G 71 60.99 5.26 11.03
N LEU G 72 60.46 6.24 11.76
CA LEU G 72 61.36 7.34 12.20
C LEU G 72 62.46 6.81 13.11
N ARG G 73 62.12 5.94 14.04
CA ARG G 73 63.11 5.36 14.93
C ARG G 73 64.19 4.57 14.19
N ILE G 74 63.79 3.67 13.29
CA ILE G 74 64.81 2.88 12.57
C ILE G 74 65.59 3.70 11.57
N THR G 75 64.97 4.73 10.97
CA THR G 75 65.68 5.69 10.11
C THR G 75 66.73 6.43 10.95
N TYR G 76 66.36 6.88 12.15
CA TYR G 76 67.35 7.58 12.99
C TYR G 76 68.52 6.69 13.40
N LEU G 77 68.20 5.45 13.78
CA LEU G 77 69.23 4.52 14.25
C LEU G 77 70.18 4.04 13.17
N THR G 78 69.69 3.94 11.94
CA THR G 78 70.52 3.50 10.83
C THR G 78 71.21 4.62 10.09
N GLU G 79 70.97 5.87 10.49
CA GLU G 79 71.51 7.07 9.87
C GLU G 79 71.11 7.18 8.42
N THR G 80 69.89 6.83 8.12
CA THR G 80 69.30 6.85 6.82
C THR G 80 68.82 8.23 6.41
N LYS G 81 69.28 8.65 5.23
CA LYS G 81 68.94 9.92 4.64
C LYS G 81 67.43 9.98 4.27
N ILE G 82 66.78 11.05 4.70
CA ILE G 82 65.40 11.32 4.30
C ILE G 82 65.42 12.24 3.08
N ASP G 83 64.58 11.92 2.10
CA ASP G 83 64.47 12.77 0.91
C ASP G 83 63.49 13.89 1.26
N LYS G 84 62.19 13.52 1.35
CA LYS G 84 61.18 14.52 1.60
C LYS G 84 60.22 14.17 2.76
N LEU G 85 59.63 15.23 3.31
CA LEU G 85 58.55 15.12 4.23
C LEU G 85 57.40 15.98 3.67
N CYS G 86 56.22 15.37 3.71
CA CYS G 86 54.95 16.01 3.43
C CYS G 86 54.38 16.29 4.83
N VAL G 87 54.22 17.55 5.15
CA VAL G 87 53.79 17.95 6.47
C VAL G 87 52.57 18.86 6.48
N TRP G 88 51.79 18.78 7.59
CA TRP G 88 50.68 19.72 7.73
C TRP G 88 51.26 20.96 8.44
N ASN G 89 51.01 22.15 7.90
CA ASN G 89 51.61 23.37 8.45
C ASN G 89 50.63 24.16 9.31
N ASN G 90 49.49 23.51 9.65
CA ASN G 90 48.60 24.14 10.63
C ASN G 90 48.83 23.60 12.03
N LYS G 91 50.05 23.13 12.32
CA LYS G 91 50.38 22.59 13.62
C LYS G 91 51.79 23.05 13.96
N THR G 92 52.13 23.13 15.24
CA THR G 92 53.50 23.50 15.60
C THR G 92 53.98 22.49 16.64
N PRO G 93 55.07 21.78 16.40
CA PRO G 93 55.81 21.89 15.17
C PRO G 93 55.02 21.26 14.01
N ASN G 94 55.41 21.48 12.78
CA ASN G 94 54.72 20.91 11.64
C ASN G 94 54.58 19.40 11.82
N SER G 95 53.46 18.89 11.28
CA SER G 95 53.06 17.53 11.55
C SER G 95 53.25 16.62 10.37
N ILE G 96 53.90 15.48 10.60
CA ILE G 96 54.22 14.59 9.47
C ILE G 96 53.03 13.85 8.89
N ALA G 97 52.86 13.95 7.57
CA ALA G 97 51.81 13.22 6.87
C ALA G 97 52.41 12.07 6.06
N ALA G 98 53.63 12.30 5.55
CA ALA G 98 54.29 11.29 4.71
C ALA G 98 55.81 11.53 4.70
N ILE G 99 56.53 10.46 4.41
CA ILE G 99 58.04 10.52 4.41
C ILE G 99 58.53 9.79 3.15
N SER G 100 59.65 10.22 2.58
CA SER G 100 60.26 9.49 1.49
C SER G 100 61.80 9.43 1.78
N MET G 101 62.36 8.27 1.46
CA MET G 101 63.81 8.08 1.69
C MET G 101 64.49 7.71 0.38
N LYS G 102 65.54 8.47 0.10
CA LYS G 102 66.22 8.21 -1.13
C LYS G 102 67.75 8.39 -0.84
N ASN G 103 68.29 7.22 -0.61
CA ASN G 103 69.45 6.89 -1.33
C ASN G 103 69.12 5.76 -2.27
N ALA H 1 50.41 -23.64 -1.36
CA ALA H 1 50.62 -24.77 -2.28
C ALA H 1 51.34 -24.39 -3.56
N PRO H 2 51.27 -23.18 -4.05
CA PRO H 2 52.16 -22.74 -5.12
C PRO H 2 53.56 -22.88 -4.49
N GLN H 3 54.59 -23.06 -5.32
CA GLN H 3 55.94 -23.27 -4.86
C GLN H 3 56.86 -22.12 -5.25
N THR H 4 56.35 -21.30 -6.18
CA THR H 4 57.14 -20.18 -6.72
C THR H 4 56.24 -18.96 -6.81
N ILE H 5 56.87 -17.77 -6.88
CA ILE H 5 56.06 -16.55 -6.96
C ILE H 5 55.37 -16.48 -8.31
N THR H 6 56.04 -16.98 -9.37
CA THR H 6 55.44 -17.02 -10.70
C THR H 6 54.21 -17.90 -10.77
N GLU H 7 54.20 -19.02 -10.05
CA GLU H 7 53.10 -19.95 -10.02
C GLU H 7 51.90 -19.34 -9.28
N LEU H 8 52.27 -18.67 -8.17
CA LEU H 8 51.26 -18.01 -7.35
C LEU H 8 50.60 -16.87 -8.11
N CYS H 9 51.42 -16.07 -8.78
CA CYS H 9 50.94 -14.94 -9.56
C CYS H 9 49.95 -15.32 -10.67
N SER H 10 50.22 -16.45 -11.31
CA SER H 10 49.34 -17.03 -12.32
C SER H 10 47.96 -17.43 -11.88
N GLU H 11 47.71 -17.51 -10.57
CA GLU H 11 46.39 -17.86 -10.06
C GLU H 11 45.38 -16.71 -10.08
N TYR H 12 45.89 -15.47 -10.20
CA TYR H 12 45.01 -14.30 -10.16
C TYR H 12 44.80 -13.59 -11.48
N ARG H 13 43.67 -12.92 -11.67
CA ARG H 13 43.43 -12.16 -12.90
C ARG H 13 44.16 -10.82 -12.81
N ASN H 14 44.50 -10.20 -13.92
CA ASN H 14 45.11 -8.89 -14.01
C ASN H 14 46.46 -8.77 -13.29
N THR H 15 47.27 -9.82 -13.39
CA THR H 15 48.59 -9.76 -12.76
C THR H 15 49.69 -10.06 -13.78
N GLN H 16 50.89 -9.64 -13.40
CA GLN H 16 52.08 -9.97 -14.17
C GLN H 16 53.29 -9.93 -13.26
N ILE H 17 54.32 -10.65 -13.71
CA ILE H 17 55.58 -10.61 -12.97
C ILE H 17 56.54 -9.57 -13.52
N TYR H 18 57.18 -8.80 -12.62
CA TYR H 18 58.26 -7.90 -13.02
C TYR H 18 59.53 -8.50 -12.40
N THR H 19 60.58 -8.69 -13.18
CA THR H 19 61.83 -9.25 -12.63
C THR H 19 62.71 -8.02 -12.40
N ILE H 20 63.00 -7.75 -11.13
CA ILE H 20 63.71 -6.55 -10.71
C ILE H 20 65.23 -6.73 -10.60
N ASN H 21 65.65 -7.74 -9.84
CA ASN H 21 67.10 -7.95 -9.62
C ASN H 21 67.79 -6.65 -9.20
N ASP H 22 67.25 -5.91 -8.20
CA ASP H 22 67.82 -4.65 -7.82
C ASP H 22 67.29 -4.24 -6.44
N LYS H 23 68.04 -3.40 -5.77
CA LYS H 23 67.58 -2.90 -4.48
C LYS H 23 66.53 -1.82 -4.79
N ILE H 24 65.76 -1.47 -3.76
CA ILE H 24 64.78 -0.39 -3.97
C ILE H 24 65.52 0.95 -4.01
N LEU H 25 65.14 1.81 -4.96
CA LEU H 25 65.77 3.14 -5.05
C LEU H 25 65.19 4.13 -4.06
N SER H 26 63.86 4.22 -3.99
CA SER H 26 63.18 5.16 -3.12
C SER H 26 62.03 4.43 -2.40
N TYR H 27 61.87 4.87 -1.16
CA TYR H 27 60.78 4.32 -0.34
C TYR H 27 59.93 5.50 0.14
N THR H 28 58.62 5.40 -0.01
CA THR H 28 57.68 6.45 0.40
C THR H 28 56.55 5.84 1.24
N GLU H 29 56.32 6.47 2.38
CA GLU H 29 55.31 6.00 3.32
C GLU H 29 54.38 7.15 3.69
N SER H 30 53.08 6.85 3.77
CA SER H 30 52.13 7.91 4.14
C SER H 30 51.16 7.53 5.24
N MET H 31 50.94 8.42 6.22
CA MET H 31 49.95 8.11 7.26
C MET H 31 48.78 9.10 7.13
N ALA H 32 48.73 9.75 5.96
CA ALA H 32 47.62 10.69 5.71
C ALA H 32 46.30 9.94 5.58
N GLY H 33 45.15 10.44 6.07
CA GLY H 33 43.94 9.66 6.12
C GLY H 33 43.43 9.24 4.76
N LYS H 34 43.15 7.95 4.61
CA LYS H 34 42.71 7.36 3.36
C LYS H 34 43.79 7.31 2.28
N ARG H 35 45.05 7.58 2.65
CA ARG H 35 46.19 7.45 1.75
C ARG H 35 47.30 6.72 2.54
N GLU H 36 46.88 5.79 3.42
CA GLU H 36 47.82 5.03 4.26
C GLU H 36 48.43 3.97 3.35
N MET H 37 49.54 4.30 2.69
CA MET H 37 50.09 3.45 1.65
C MET H 37 51.62 3.58 1.59
N VAL H 38 52.21 2.65 0.86
CA VAL H 38 53.67 2.70 0.61
C VAL H 38 53.85 2.72 -0.90
N ILE H 39 54.86 3.46 -1.35
CA ILE H 39 55.20 3.55 -2.76
C ILE H 39 56.71 3.27 -2.93
N ILE H 40 57.08 2.37 -3.81
CA ILE H 40 58.54 2.16 -3.97
C ILE H 40 58.91 2.41 -5.42
N THR H 41 60.13 2.84 -5.73
CA THR H 41 60.52 3.02 -7.12
C THR H 41 61.91 2.32 -7.26
N PHE H 42 62.23 2.01 -8.50
CA PHE H 42 63.50 1.38 -8.86
C PHE H 42 64.22 2.28 -9.85
N LYS H 43 65.53 2.16 -9.98
CA LYS H 43 66.34 2.98 -10.87
C LYS H 43 65.98 2.78 -12.34
N SER H 44 65.29 1.69 -12.67
CA SER H 44 64.71 1.46 -13.98
C SER H 44 63.60 2.48 -14.20
N GLY H 45 62.96 2.96 -13.17
CA GLY H 45 61.91 3.94 -13.20
C GLY H 45 60.51 3.37 -12.91
N GLU H 46 60.51 2.05 -12.77
CA GLU H 46 59.25 1.33 -12.42
C GLU H 46 58.82 1.77 -11.03
N THR H 47 57.55 1.98 -10.83
CA THR H 47 56.97 2.50 -9.58
C THR H 47 55.85 1.57 -9.15
N PHE H 48 55.84 1.12 -7.89
CA PHE H 48 54.79 0.20 -7.44
C PHE H 48 54.20 0.63 -6.11
N GLN H 49 52.97 0.25 -5.78
CA GLN H 49 52.37 0.57 -4.51
C GLN H 49 51.90 -0.66 -3.75
N VAL H 50 51.72 -0.48 -2.44
CA VAL H 50 50.98 -1.37 -1.59
C VAL H 50 49.69 -0.56 -1.31
N GLU H 51 48.58 -1.03 -1.83
CA GLU H 51 47.37 -0.22 -1.77
C GLU H 51 46.86 0.06 -0.36
N VAL H 52 46.03 1.11 -0.31
CA VAL H 52 45.34 1.36 0.98
C VAL H 52 44.35 0.23 1.19
N PRO H 53 44.25 -0.32 2.39
CA PRO H 53 43.29 -1.38 2.68
C PRO H 53 41.89 -0.91 2.33
N GLY H 54 41.17 -1.70 1.54
CA GLY H 54 39.77 -1.35 1.26
C GLY H 54 38.87 -2.54 1.03
N SER H 55 37.80 -2.23 0.28
CA SER H 55 36.76 -3.16 -0.10
C SER H 55 37.17 -4.29 -1.00
N GLN H 56 38.26 -4.08 -1.74
CA GLN H 56 38.80 -5.14 -2.59
C GLN H 56 39.56 -6.14 -1.74
N HIS H 57 39.88 -5.86 -0.47
CA HIS H 57 40.61 -6.84 0.33
C HIS H 57 39.71 -7.64 1.25
N ILE H 58 40.07 -8.88 1.51
CA ILE H 58 39.32 -9.74 2.42
C ILE H 58 40.01 -9.66 3.79
N ASP H 59 39.36 -10.11 4.86
CA ASP H 59 39.92 -10.04 6.19
C ASP H 59 41.28 -10.68 6.38
N SER H 60 41.56 -11.80 5.74
CA SER H 60 42.85 -12.46 5.80
C SER H 60 43.96 -11.61 5.18
N GLN H 61 43.68 -10.60 4.37
CA GLN H 61 44.71 -9.79 3.76
C GLN H 61 45.13 -8.63 4.67
N LYS H 62 44.36 -8.35 5.72
CA LYS H 62 44.74 -7.22 6.58
C LYS H 62 46.14 -7.32 7.18
N LYS H 63 46.45 -8.41 7.87
CA LYS H 63 47.78 -8.56 8.43
C LYS H 63 48.83 -8.72 7.33
N ALA H 64 48.45 -9.33 6.20
CA ALA H 64 49.39 -9.54 5.11
C ALA H 64 49.75 -8.19 4.48
N ILE H 65 48.81 -7.25 4.40
CA ILE H 65 49.16 -5.93 3.88
C ILE H 65 50.17 -5.24 4.80
N GLU H 66 49.89 -5.32 6.12
CA GLU H 66 50.87 -4.68 7.04
C GLU H 66 52.22 -5.33 6.93
N ARG H 67 52.31 -6.66 6.80
CA ARG H 67 53.55 -7.38 6.65
C ARG H 67 54.30 -6.93 5.40
N MET H 68 53.62 -6.77 4.26
CA MET H 68 54.27 -6.36 3.03
C MET H 68 54.93 -4.98 3.17
N LYS H 69 54.29 -4.06 3.86
CA LYS H 69 54.88 -2.73 4.07
C LYS H 69 56.09 -2.89 4.99
N ASP H 70 55.96 -3.78 5.97
CA ASP H 70 57.12 -4.03 6.85
C ASP H 70 58.31 -4.55 6.04
N THR H 71 58.04 -5.52 5.18
CA THR H 71 59.06 -6.09 4.30
C THR H 71 59.67 -5.08 3.35
N LEU H 72 58.85 -4.16 2.80
CA LEU H 72 59.43 -3.18 1.90
C LEU H 72 60.37 -2.21 2.63
N ARG H 73 60.03 -1.83 3.86
CA ARG H 73 60.89 -0.91 4.60
C ARG H 73 62.24 -1.54 4.92
N ILE H 74 62.22 -2.76 5.45
CA ILE H 74 63.51 -3.37 5.85
C ILE H 74 64.29 -3.74 4.58
N THR H 75 63.60 -4.12 3.51
CA THR H 75 64.35 -4.40 2.26
C THR H 75 65.05 -3.14 1.78
N TYR H 76 64.32 -2.00 1.85
CA TYR H 76 64.92 -0.73 1.43
C TYR H 76 66.16 -0.37 2.26
N LEU H 77 66.01 -0.36 3.56
CA LEU H 77 67.07 0.01 4.51
C LEU H 77 68.31 -0.86 4.41
N THR H 78 68.17 -2.13 4.05
CA THR H 78 69.30 -3.03 3.97
C THR H 78 69.87 -3.16 2.56
N GLU H 79 69.25 -2.49 1.61
CA GLU H 79 69.60 -2.59 0.18
C GLU H 79 69.53 -4.03 -0.30
N THR H 80 68.54 -4.77 0.19
CA THR H 80 68.35 -6.14 -0.24
C THR H 80 67.82 -6.17 -1.67
N LYS H 81 68.44 -7.00 -2.52
CA LYS H 81 67.96 -7.10 -3.88
C LYS H 81 66.60 -7.82 -3.95
N ILE H 82 65.63 -7.16 -4.57
CA ILE H 82 64.36 -7.87 -4.83
C ILE H 82 64.52 -8.70 -6.11
N ASP H 83 63.98 -9.90 -6.13
CA ASP H 83 64.05 -10.77 -7.32
C ASP H 83 62.89 -10.38 -8.22
N LYS H 84 61.68 -10.79 -7.84
CA LYS H 84 60.51 -10.50 -8.65
C LYS H 84 59.40 -9.87 -7.81
N LEU H 85 58.49 -9.23 -8.52
CA LEU H 85 57.29 -8.69 -7.94
C LEU H 85 56.14 -9.24 -8.80
N CYS H 86 55.13 -9.71 -8.13
CA CYS H 86 53.90 -10.15 -8.77
C CYS H 86 52.95 -8.96 -8.53
N VAL H 87 52.49 -8.28 -9.60
CA VAL H 87 51.65 -7.10 -9.33
C VAL H 87 50.33 -7.16 -10.08
N TRP H 88 49.34 -6.44 -9.57
CA TRP H 88 48.08 -6.24 -10.29
C TRP H 88 48.28 -5.04 -11.20
N ASN H 89 47.92 -5.19 -12.49
CA ASN H 89 48.14 -4.16 -13.49
C ASN H 89 46.87 -3.39 -13.82
N ASN H 90 45.84 -3.54 -13.01
CA ASN H 90 44.59 -2.80 -13.18
C ASN H 90 44.55 -1.61 -12.23
N LYS H 91 45.74 -1.24 -11.74
CA LYS H 91 45.94 -0.09 -10.90
C LYS H 91 47.14 0.73 -11.34
N THR H 92 47.18 1.94 -10.85
CA THR H 92 48.27 2.87 -11.08
C THR H 92 48.64 3.63 -9.80
N PRO H 93 49.87 3.52 -9.34
CA PRO H 93 50.86 2.62 -9.93
C PRO H 93 50.50 1.15 -9.80
N ASN H 94 51.16 0.22 -10.50
CA ASN H 94 50.87 -1.21 -10.32
C ASN H 94 50.93 -1.59 -8.84
N SER H 95 50.01 -2.44 -8.39
CA SER H 95 49.86 -2.82 -6.99
C SER H 95 50.49 -4.13 -6.59
N ILE H 96 51.36 -4.16 -5.59
CA ILE H 96 52.08 -5.39 -5.25
C ILE H 96 51.19 -6.49 -4.68
N ALA H 97 51.28 -7.71 -5.22
CA ALA H 97 50.56 -8.85 -4.69
C ALA H 97 51.53 -9.78 -3.93
N ALA H 98 52.75 -9.88 -4.44
CA ALA H 98 53.75 -10.77 -3.84
C ALA H 98 55.15 -10.28 -4.21
N ILE H 99 56.14 -10.66 -3.39
CA ILE H 99 57.54 -10.29 -3.61
C ILE H 99 58.44 -11.49 -3.38
N SER H 100 59.56 -11.55 -4.07
CA SER H 100 60.54 -12.59 -3.85
C SER H 100 61.91 -11.92 -3.80
N MET H 101 62.82 -12.59 -3.10
CA MET H 101 64.18 -12.08 -3.03
C MET H 101 65.10 -13.30 -2.99
N LYS H 102 66.19 -13.23 -3.76
CA LYS H 102 67.09 -14.39 -3.81
C LYS H 102 68.53 -14.01 -3.50
N ASN H 103 69.20 -14.92 -2.80
CA ASN H 103 70.57 -14.64 -2.37
C ASN H 103 71.49 -15.75 -2.86
N ALA I 1 58.16 -29.90 28.89
CA ALA I 1 58.12 -29.58 27.43
C ALA I 1 59.32 -30.17 26.73
N PRO I 2 59.26 -30.27 25.41
CA PRO I 2 60.38 -30.75 24.62
C PRO I 2 61.58 -29.85 24.88
N GLN I 3 62.78 -30.43 24.76
CA GLN I 3 64.01 -29.69 24.89
C GLN I 3 64.75 -29.52 23.58
N THR I 4 64.28 -30.21 22.53
CA THR I 4 64.90 -30.15 21.22
C THR I 4 63.82 -30.14 20.14
N ILE I 5 64.21 -29.67 18.97
CA ILE I 5 63.24 -29.62 17.85
C ILE I 5 62.85 -31.03 17.43
N THR I 6 63.79 -31.98 17.55
CA THR I 6 63.45 -33.36 17.15
C THR I 6 62.43 -33.96 18.09
N GLU I 7 62.61 -33.72 19.39
CA GLU I 7 61.68 -34.23 20.40
C GLU I 7 60.29 -33.61 20.19
N LEU I 8 60.24 -32.31 19.91
CA LEU I 8 58.97 -31.63 19.68
C LEU I 8 58.32 -32.10 18.40
N CYS I 9 59.12 -32.26 17.34
CA CYS I 9 58.63 -32.70 16.05
C CYS I 9 58.00 -34.09 16.14
N SER I 10 58.60 -34.98 16.92
CA SER I 10 58.13 -36.32 17.21
C SER I 10 56.80 -36.45 17.93
N GLU I 11 56.33 -35.36 18.54
CA GLU I 11 55.02 -35.34 19.16
C GLU I 11 53.88 -35.23 18.14
N TYR I 12 54.22 -34.91 16.90
CA TYR I 12 53.24 -34.72 15.83
C TYR I 12 53.20 -35.77 14.74
N ARG I 13 52.00 -36.06 14.25
CA ARG I 13 51.84 -36.96 13.11
C ARG I 13 52.14 -36.26 11.78
N ASN I 14 52.61 -37.04 10.82
CA ASN I 14 52.97 -36.64 9.48
C ASN I 14 54.04 -35.56 9.43
N THR I 15 55.05 -35.71 10.29
CA THR I 15 56.11 -34.68 10.31
C THR I 15 57.42 -35.37 10.01
N GLN I 16 58.40 -34.55 9.69
CA GLN I 16 59.72 -35.00 9.27
C GLN I 16 60.73 -33.87 9.54
N ILE I 17 61.88 -34.25 10.08
CA ILE I 17 62.93 -33.30 10.38
C ILE I 17 63.82 -33.26 9.13
N TYR I 18 64.08 -32.07 8.65
CA TYR I 18 65.05 -31.83 7.59
C TYR I 18 66.28 -31.15 8.23
N THR I 19 67.44 -31.74 8.08
CA THR I 19 68.69 -31.12 8.51
C THR I 19 69.27 -30.32 7.34
N ILE I 20 69.00 -29.03 7.32
CA ILE I 20 69.39 -28.11 6.26
C ILE I 20 70.82 -27.62 6.32
N ASN I 21 71.20 -27.09 7.48
CA ASN I 21 72.52 -26.55 7.73
C ASN I 21 72.92 -25.60 6.63
N ASP I 22 72.10 -24.56 6.38
CA ASP I 22 72.44 -23.63 5.30
C ASP I 22 71.55 -22.38 5.42
N LYS I 23 72.00 -21.30 4.82
CA LYS I 23 71.15 -20.09 4.78
C LYS I 23 70.02 -20.33 3.75
N ILE I 24 68.99 -19.49 3.86
CA ILE I 24 67.85 -19.53 2.95
C ILE I 24 68.33 -18.92 1.63
N LEU I 25 68.07 -19.62 0.54
CA LEU I 25 68.41 -19.22 -0.81
C LEU I 25 67.39 -18.20 -1.29
N SER I 26 66.08 -18.47 -1.21
CA SER I 26 65.08 -17.49 -1.61
C SER I 26 64.03 -17.28 -0.53
N TYR I 27 63.33 -16.14 -0.59
CA TYR I 27 62.25 -15.77 0.29
C TYR I 27 61.09 -15.21 -0.55
N THR I 28 59.90 -15.76 -0.41
CA THR I 28 58.75 -15.28 -1.20
C THR I 28 57.63 -14.98 -0.21
N GLU I 29 56.99 -13.85 -0.42
CA GLU I 29 55.92 -13.45 0.51
C GLU I 29 54.74 -12.97 -0.28
N SER I 30 53.54 -13.46 0.05
CA SER I 30 52.35 -13.05 -0.68
C SER I 30 51.25 -12.47 0.20
N MET I 31 50.63 -11.37 -0.24
CA MET I 31 49.50 -10.75 0.44
C MET I 31 48.26 -10.88 -0.47
N ALA I 32 48.35 -11.76 -1.47
CA ALA I 32 47.20 -11.96 -2.37
C ALA I 32 46.12 -12.77 -1.64
N GLY I 33 44.86 -12.42 -1.82
CA GLY I 33 43.78 -13.08 -1.05
C GLY I 33 43.76 -14.59 -1.20
N LYS I 34 43.69 -15.31 -0.08
CA LYS I 34 43.71 -16.76 -0.01
C LYS I 34 45.10 -17.36 -0.23
N ARG I 35 46.13 -16.55 -0.47
CA ARG I 35 47.48 -17.03 -0.67
C ARG I 35 48.40 -16.15 0.20
N GLU I 36 47.90 -15.79 1.38
CA GLU I 36 48.68 -14.99 2.34
C GLU I 36 49.71 -15.93 2.99
N MET I 37 50.83 -16.15 2.32
CA MET I 37 51.80 -17.13 2.80
C MET I 37 53.22 -16.70 2.51
N VAL I 38 54.14 -17.52 3.00
CA VAL I 38 55.60 -17.35 2.85
C VAL I 38 56.15 -18.64 2.22
N ILE I 39 57.04 -18.51 1.25
CA ILE I 39 57.67 -19.70 0.67
C ILE I 39 59.18 -19.52 0.79
N ILE I 40 59.92 -20.57 1.20
CA ILE I 40 61.37 -20.41 1.29
C ILE I 40 62.02 -21.54 0.49
N THR I 41 63.18 -21.28 -0.12
CA THR I 41 63.86 -22.37 -0.81
C THR I 41 65.33 -22.41 -0.40
N PHE I 42 65.95 -23.60 -0.56
CA PHE I 42 67.37 -23.76 -0.28
C PHE I 42 68.13 -24.22 -1.52
N LYS I 43 69.44 -24.07 -1.54
CA LYS I 43 70.25 -24.52 -2.69
C LYS I 43 70.13 -26.04 -2.91
N SER I 44 69.82 -26.82 -1.90
CA SER I 44 69.58 -28.24 -2.00
C SER I 44 68.50 -28.58 -3.02
N GLY I 45 67.55 -27.68 -3.25
CA GLY I 45 66.44 -27.85 -4.16
C GLY I 45 65.13 -27.95 -3.39
N GLU I 46 65.19 -27.89 -2.08
CA GLU I 46 64.05 -27.99 -1.18
C GLU I 46 63.13 -26.76 -1.17
N THR I 47 61.83 -26.94 -1.07
CA THR I 47 60.91 -25.82 -0.94
C THR I 47 59.96 -26.04 0.24
N PHE I 48 59.72 -25.00 1.03
CA PHE I 48 58.88 -25.07 2.20
C PHE I 48 57.97 -23.82 2.27
N GLN I 49 56.79 -24.00 2.87
CA GLN I 49 55.91 -22.87 3.06
C GLN I 49 55.51 -22.72 4.51
N VAL I 50 55.03 -21.52 4.86
CA VAL I 50 54.33 -21.34 6.11
C VAL I 50 52.89 -21.32 5.54
N GLU I 51 51.98 -22.22 5.90
CA GLU I 51 50.67 -22.20 5.26
C GLU I 51 49.83 -20.95 5.57
N VAL I 52 48.85 -20.72 4.71
CA VAL I 52 47.80 -19.74 4.94
C VAL I 52 47.01 -20.14 6.18
N PRO I 53 46.70 -19.21 7.06
CA PRO I 53 45.97 -19.52 8.28
C PRO I 53 44.64 -20.12 7.90
N GLY I 54 44.22 -21.22 8.50
CA GLY I 54 42.93 -21.79 8.06
C GLY I 54 42.27 -22.63 9.13
N SER I 55 41.26 -23.42 8.70
CA SER I 55 40.50 -24.23 9.63
C SER I 55 41.31 -25.25 10.41
N GLN I 56 42.44 -25.72 9.90
CA GLN I 56 43.25 -26.69 10.62
C GLN I 56 43.99 -26.05 11.80
N HIS I 57 44.13 -24.72 11.84
CA HIS I 57 44.86 -24.10 12.93
C HIS I 57 43.96 -23.74 14.10
N ILE I 58 44.56 -23.73 15.30
CA ILE I 58 43.82 -23.37 16.51
C ILE I 58 44.14 -21.95 16.92
N ASP I 59 43.39 -21.33 17.83
CA ASP I 59 43.58 -19.92 18.13
C ASP I 59 45.00 -19.56 18.56
N SER I 60 45.63 -20.41 19.35
CA SER I 60 46.98 -20.16 19.88
C SER I 60 48.03 -20.18 18.78
N GLN I 61 47.71 -20.73 17.60
CA GLN I 61 48.66 -20.71 16.50
C GLN I 61 48.62 -19.39 15.74
N LYS I 62 47.60 -18.56 15.89
CA LYS I 62 47.56 -17.32 15.09
C LYS I 62 48.80 -16.45 15.24
N LYS I 63 49.20 -16.08 16.46
CA LYS I 63 50.39 -15.23 16.63
C LYS I 63 51.65 -16.00 16.27
N ALA I 64 51.62 -17.32 16.53
CA ALA I 64 52.80 -18.13 16.28
C ALA I 64 53.09 -18.20 14.78
N ILE I 65 52.03 -18.28 13.98
CA ILE I 65 52.18 -18.32 12.53
C ILE I 65 52.78 -17.00 12.01
N GLU I 66 52.26 -15.88 12.55
CA GLU I 66 52.86 -14.60 12.17
C GLU I 66 54.30 -14.52 12.67
N ARG I 67 54.60 -15.00 13.89
CA ARG I 67 55.98 -14.98 14.39
C ARG I 67 56.89 -15.79 13.46
N MET I 68 56.45 -16.96 12.96
CA MET I 68 57.29 -17.77 12.09
C MET I 68 57.63 -16.98 10.84
N LYS I 69 56.64 -16.29 10.24
CA LYS I 69 56.97 -15.54 9.01
C LYS I 69 58.02 -14.48 9.32
N ASP I 70 57.77 -13.73 10.41
CA ASP I 70 58.75 -12.74 10.86
C ASP I 70 60.15 -13.35 10.99
N THR I 71 60.22 -14.52 11.61
CA THR I 71 61.55 -15.16 11.78
C THR I 71 62.20 -15.50 10.46
N LEU I 72 61.45 -16.08 9.53
CA LEU I 72 61.98 -16.45 8.22
C LEU I 72 62.51 -15.24 7.47
N ARG I 73 61.82 -14.10 7.54
CA ARG I 73 62.28 -12.91 6.86
C ARG I 73 63.61 -12.43 7.43
N ILE I 74 63.70 -12.29 8.76
CA ILE I 74 65.00 -11.82 9.30
C ILE I 74 66.09 -12.87 9.12
N THR I 75 65.79 -14.15 9.21
CA THR I 75 66.81 -15.19 8.94
C THR I 75 67.28 -15.04 7.51
N TYR I 76 66.39 -14.86 6.54
CA TYR I 76 66.81 -14.66 5.17
C TYR I 76 67.73 -13.45 5.05
N LEU I 77 67.26 -12.32 5.59
CA LEU I 77 67.99 -11.05 5.44
C LEU I 77 69.38 -11.02 6.07
N THR I 78 69.59 -11.73 7.15
CA THR I 78 70.86 -11.75 7.85
C THR I 78 71.73 -12.89 7.33
N GLU I 79 71.21 -13.71 6.45
CA GLU I 79 71.94 -14.91 5.97
C GLU I 79 72.20 -15.86 7.11
N THR I 80 71.34 -16.04 8.09
CA THR I 80 71.59 -16.92 9.23
C THR I 80 71.37 -18.37 8.82
N LYS I 81 72.30 -19.27 9.21
CA LYS I 81 72.07 -20.65 8.75
C LYS I 81 70.95 -21.28 9.59
N ILE I 82 70.05 -21.97 8.94
CA ILE I 82 69.02 -22.74 9.59
C ILE I 82 69.67 -24.12 9.85
N ASP I 83 69.44 -24.66 11.03
CA ASP I 83 70.00 -25.99 11.31
C ASP I 83 69.00 -27.02 10.82
N LYS I 84 67.87 -27.10 11.55
CA LYS I 84 66.81 -28.02 11.20
C LYS I 84 65.46 -27.33 10.98
N LEU I 85 64.62 -28.03 10.23
CA LEU I 85 63.21 -27.69 10.12
C LEU I 85 62.37 -28.93 10.42
N CYS I 86 61.35 -28.76 11.25
CA CYS I 86 60.33 -29.74 11.52
C CYS I 86 59.13 -29.40 10.61
N VAL I 87 58.80 -30.27 9.66
CA VAL I 87 57.77 -29.91 8.68
C VAL I 87 56.70 -31.01 8.58
N TRP I 88 55.51 -30.59 8.21
CA TRP I 88 54.43 -31.56 7.95
C TRP I 88 54.58 -31.99 6.49
N ASN I 89 54.67 -33.29 6.22
CA ASN I 89 54.84 -33.72 4.83
C ASN I 89 53.55 -34.19 4.15
N ASN I 90 52.36 -33.86 4.64
CA ASN I 90 51.08 -34.11 4.02
C ASN I 90 50.55 -32.83 3.33
N LYS I 91 51.49 -31.94 3.04
CA LYS I 91 51.25 -30.68 2.36
C LYS I 91 52.33 -30.56 1.30
N THR I 92 52.08 -29.76 0.27
CA THR I 92 53.01 -29.51 -0.82
C THR I 92 52.96 -28.05 -1.22
N PRO I 93 54.07 -27.33 -1.05
CA PRO I 93 55.28 -27.81 -0.44
C PRO I 93 55.11 -28.14 1.04
N ASN I 94 56.06 -28.86 1.63
CA ASN I 94 56.00 -29.24 3.04
C ASN I 94 55.81 -27.99 3.89
N SER I 95 55.07 -28.13 4.97
CA SER I 95 54.67 -27.01 5.81
C SER I 95 55.48 -26.90 7.08
N ILE I 96 56.01 -25.72 7.36
CA ILE I 96 56.88 -25.54 8.53
C ILE I 96 56.10 -25.54 9.84
N ALA I 97 56.54 -26.41 10.76
CA ALA I 97 55.98 -26.49 12.10
C ALA I 97 56.95 -25.89 13.11
N ALA I 98 58.23 -25.97 12.84
CA ALA I 98 59.27 -25.49 13.77
C ALA I 98 60.60 -25.35 13.07
N ILE I 99 61.48 -24.49 13.65
CA ILE I 99 62.79 -24.24 13.08
C ILE I 99 63.84 -24.18 14.18
N SER I 100 65.08 -24.56 13.85
CA SER I 100 66.15 -24.40 14.81
C SER I 100 67.36 -23.80 14.10
N MET I 101 68.18 -23.04 14.83
CA MET I 101 69.36 -22.41 14.23
C MET I 101 70.48 -22.46 15.26
N LYS I 102 71.72 -22.78 14.87
CA LYS I 102 72.79 -22.80 15.86
C LYS I 102 74.03 -22.04 15.36
N ASN I 103 74.71 -21.50 16.36
CA ASN I 103 75.92 -20.74 16.36
C ASN I 103 75.93 -19.26 16.13
N ALA J 1 59.55 -0.61 42.89
CA ALA J 1 59.83 -1.74 41.97
C ALA J 1 61.27 -2.20 42.10
N PRO J 2 61.55 -3.47 41.78
CA PRO J 2 62.91 -3.99 41.88
C PRO J 2 63.85 -3.19 41.00
N GLN J 3 65.13 -3.24 41.35
CA GLN J 3 66.13 -2.49 40.58
C GLN J 3 67.09 -3.36 39.83
N THR J 4 67.08 -4.65 40.11
CA THR J 4 68.04 -5.57 39.47
C THR J 4 67.21 -6.82 39.12
N ILE J 5 67.75 -7.69 38.29
CA ILE J 5 67.10 -8.95 37.95
C ILE J 5 67.10 -9.89 39.15
N THR J 6 68.07 -9.78 40.05
CA THR J 6 68.18 -10.63 41.23
C THR J 6 67.11 -10.22 42.24
N GLU J 7 66.89 -8.91 42.41
CA GLU J 7 65.85 -8.45 43.32
C GLU J 7 64.47 -8.91 42.82
N LEU J 8 64.30 -8.76 41.51
CA LEU J 8 63.03 -9.16 40.91
C LEU J 8 62.84 -10.67 41.03
N CYS J 9 63.91 -11.41 40.73
CA CYS J 9 63.81 -12.87 40.71
C CYS J 9 63.48 -13.38 42.10
N SER J 10 63.98 -12.70 43.13
CA SER J 10 63.79 -13.13 44.51
C SER J 10 62.37 -12.96 45.02
N GLU J 11 61.51 -12.23 44.30
CA GLU J 11 60.13 -12.05 44.69
C GLU J 11 59.31 -13.28 44.35
N TYR J 12 59.84 -14.27 43.62
CA TYR J 12 59.03 -15.40 43.16
C TYR J 12 59.50 -16.71 43.77
N ARG J 13 58.56 -17.59 44.07
CA ARG J 13 58.91 -18.94 44.53
C ARG J 13 59.39 -19.75 43.33
N ASN J 14 60.14 -20.83 43.56
CA ASN J 14 60.63 -21.72 42.54
C ASN J 14 61.49 -21.04 41.47
N THR J 15 62.32 -20.09 41.92
CA THR J 15 63.24 -19.48 40.95
C THR J 15 64.69 -19.60 41.39
N GLN J 16 65.55 -19.32 40.42
CA GLN J 16 67.00 -19.31 40.65
C GLN J 16 67.55 -18.49 39.49
N ILE J 17 68.75 -18.00 39.62
CA ILE J 17 69.40 -17.21 38.58
C ILE J 17 70.51 -18.05 37.97
N TYR J 18 70.60 -18.02 36.65
CA TYR J 18 71.75 -18.64 36.00
C TYR J 18 72.59 -17.46 35.50
N THR J 19 73.86 -17.39 35.88
CA THR J 19 74.71 -16.33 35.31
C THR J 19 75.21 -16.97 34.02
N ILE J 20 74.73 -16.46 32.90
CA ILE J 20 75.09 -17.03 31.59
C ILE J 20 76.38 -16.46 31.06
N ASN J 21 76.47 -15.12 31.01
CA ASN J 21 77.65 -14.45 30.49
C ASN J 21 78.08 -15.04 29.15
N ASP J 22 77.13 -15.26 28.23
CA ASP J 22 77.46 -15.82 26.95
C ASP J 22 76.35 -15.56 25.96
N LYS J 23 76.68 -15.73 24.69
CA LYS J 23 75.68 -15.57 23.64
C LYS J 23 74.89 -16.87 23.60
N ILE J 24 73.71 -16.83 23.03
CA ILE J 24 72.90 -18.03 22.78
C ILE J 24 73.56 -18.93 21.75
N LEU J 25 73.62 -20.23 22.00
CA LEU J 25 74.17 -21.19 21.05
C LEU J 25 73.15 -21.65 20.00
N SER J 26 71.94 -21.97 20.45
CA SER J 26 70.90 -22.40 19.52
C SER J 26 69.53 -21.81 19.89
N TYR J 27 68.78 -21.56 18.82
CA TYR J 27 67.43 -20.99 18.96
C TYR J 27 66.45 -21.88 18.20
N THR J 28 65.40 -22.24 18.89
CA THR J 28 64.36 -23.13 18.35
C THR J 28 63.00 -22.47 18.57
N GLU J 29 62.21 -22.43 17.47
CA GLU J 29 60.89 -21.80 17.56
C GLU J 29 59.83 -22.70 16.92
N SER J 30 58.73 -22.91 17.63
CA SER J 30 57.67 -23.77 17.07
C SER J 30 56.34 -23.05 17.02
N MET J 31 55.63 -23.26 15.90
CA MET J 31 54.28 -22.77 15.75
C MET J 31 53.31 -23.98 15.77
N ALA J 32 53.83 -25.14 16.20
CA ALA J 32 52.97 -26.34 16.20
C ALA J 32 51.95 -26.23 17.31
N GLY J 33 50.70 -26.61 17.03
CA GLY J 33 49.61 -26.47 17.97
C GLY J 33 49.84 -27.05 19.34
N LYS J 34 49.64 -26.24 20.39
CA LYS J 34 49.88 -26.57 21.78
C LYS J 34 51.37 -26.58 22.15
N ARG J 35 52.27 -26.26 21.23
CA ARG J 35 53.70 -26.20 21.45
C ARG J 35 54.23 -24.88 20.89
N GLU J 36 53.46 -23.83 21.09
CA GLU J 36 53.83 -22.51 20.55
C GLU J 36 54.83 -21.92 21.55
N MET J 37 56.10 -22.16 21.31
CA MET J 37 57.17 -21.84 22.24
C MET J 37 58.52 -21.62 21.57
N VAL J 38 59.44 -21.14 22.41
CA VAL J 38 60.83 -20.89 22.03
C VAL J 38 61.70 -21.64 23.03
N ILE J 39 62.75 -22.27 22.50
CA ILE J 39 63.72 -23.01 23.29
C ILE J 39 65.10 -22.48 22.92
N ILE J 40 65.93 -22.21 23.96
CA ILE J 40 67.27 -21.72 23.65
C ILE J 40 68.29 -22.61 24.40
N THR J 41 69.50 -22.75 23.87
CA THR J 41 70.50 -23.54 24.61
C THR J 41 71.80 -22.74 24.64
N PHE J 42 72.70 -23.10 25.58
CA PHE J 42 74.00 -22.44 25.66
C PHE J 42 75.10 -23.48 25.59
N LYS J 43 76.34 -23.06 25.36
CA LYS J 43 77.53 -23.90 25.36
C LYS J 43 77.68 -24.65 26.68
N SER J 44 77.15 -24.15 27.77
CA SER J 44 77.13 -24.71 29.10
C SER J 44 76.28 -25.99 29.21
N GLY J 45 75.54 -26.34 28.16
CA GLY J 45 74.65 -27.48 28.13
C GLY J 45 73.28 -27.19 28.75
N GLU J 46 73.03 -25.96 29.18
CA GLU J 46 71.76 -25.61 29.79
C GLU J 46 70.76 -25.28 28.67
N THR J 47 69.51 -25.67 28.91
CA THR J 47 68.42 -25.44 27.95
C THR J 47 67.29 -24.71 28.66
N PHE J 48 66.70 -23.68 28.04
CA PHE J 48 65.65 -22.92 28.68
C PHE J 48 64.46 -22.72 27.72
N GLN J 49 63.28 -22.51 28.27
CA GLN J 49 62.14 -22.30 27.41
C GLN J 49 61.44 -21.00 27.80
N VAL J 50 60.65 -20.53 26.82
CA VAL J 50 59.61 -19.55 27.08
C VAL J 50 58.36 -20.47 26.98
N GLU J 51 57.60 -20.55 28.05
CA GLU J 51 56.48 -21.49 28.01
C GLU J 51 55.34 -21.13 27.06
N VAL J 52 54.63 -22.18 26.65
CA VAL J 52 53.37 -21.93 25.91
C VAL J 52 52.43 -21.16 26.80
N PRO J 53 51.79 -20.11 26.28
CA PRO J 53 50.85 -19.35 27.08
C PRO J 53 49.81 -20.29 27.65
N GLY J 54 49.52 -20.18 28.93
CA GLY J 54 48.53 -21.10 29.53
C GLY J 54 47.78 -20.45 30.65
N SER J 55 47.06 -21.30 31.39
CA SER J 55 46.20 -20.87 32.49
C SER J 55 46.99 -20.30 33.65
N GLN J 56 48.27 -20.64 33.74
CA GLN J 56 49.10 -20.10 34.81
C GLN J 56 49.46 -18.64 34.52
N HIS J 57 49.39 -18.14 33.31
CA HIS J 57 49.67 -16.73 33.06
C HIS J 57 48.45 -15.83 33.22
N ILE J 58 48.64 -14.61 33.70
CA ILE J 58 47.56 -13.61 33.76
C ILE J 58 47.57 -12.78 32.50
N ASP J 59 46.49 -12.02 32.22
CA ASP J 59 46.45 -11.27 30.97
C ASP J 59 47.64 -10.34 30.77
N SER J 60 48.11 -9.67 31.79
CA SER J 60 49.26 -8.75 31.63
C SER J 60 50.54 -9.41 31.16
N GLN J 61 50.66 -10.74 31.26
CA GLN J 61 51.83 -11.45 30.78
C GLN J 61 51.74 -11.82 29.31
N LYS J 62 50.54 -11.74 28.74
CA LYS J 62 50.38 -12.12 27.33
C LYS J 62 51.37 -11.39 26.45
N LYS J 63 51.35 -10.08 26.53
CA LYS J 63 52.23 -9.24 25.73
C LYS J 63 53.70 -9.41 26.14
N ALA J 64 53.96 -9.64 27.42
CA ALA J 64 55.33 -9.84 27.93
C ALA J 64 55.92 -11.14 27.43
N ILE J 65 55.06 -12.17 27.26
CA ILE J 65 55.54 -13.45 26.69
C ILE J 65 56.02 -13.24 25.28
N GLU J 66 55.20 -12.57 24.45
CA GLU J 66 55.59 -12.29 23.07
C GLU J 66 56.84 -11.40 23.03
N ARG J 67 56.87 -10.35 23.85
CA ARG J 67 58.14 -9.56 23.93
C ARG J 67 59.33 -10.43 24.25
N MET J 68 59.26 -11.35 25.20
CA MET J 68 60.48 -12.14 25.53
C MET J 68 60.93 -12.99 24.37
N LYS J 69 60.00 -13.61 23.62
CA LYS J 69 60.38 -14.38 22.45
C LYS J 69 61.03 -13.43 21.43
N ASP J 70 60.50 -12.22 21.27
CA ASP J 70 61.15 -11.21 20.43
C ASP J 70 62.59 -10.94 20.83
N THR J 71 62.84 -10.64 22.11
CA THR J 71 64.24 -10.39 22.54
C THR J 71 65.10 -11.59 22.33
N LEU J 72 64.70 -12.81 22.67
CA LEU J 72 65.62 -13.96 22.41
C LEU J 72 65.96 -14.08 20.95
N ARG J 73 65.03 -13.88 20.00
CA ARG J 73 65.39 -14.07 18.59
C ARG J 73 66.46 -13.08 18.17
N ILE J 74 66.21 -11.79 18.46
CA ILE J 74 67.16 -10.74 18.13
C ILE J 74 68.44 -10.92 18.95
N THR J 75 68.34 -11.34 20.21
CA THR J 75 69.63 -11.56 20.95
C THR J 75 70.42 -12.62 20.19
N TYR J 76 69.75 -13.72 19.85
CA TYR J 76 70.45 -14.79 19.12
C TYR J 76 71.12 -14.35 17.82
N LEU J 77 70.34 -13.66 16.98
CA LEU J 77 70.80 -13.21 15.67
C LEU J 77 71.90 -12.16 15.72
N THR J 78 71.97 -11.34 16.75
CA THR J 78 73.00 -10.32 16.85
C THR J 78 74.18 -10.87 17.65
N GLU J 79 74.08 -12.07 18.20
CA GLU J 79 75.16 -12.66 18.99
C GLU J 79 75.43 -11.89 20.26
N THR J 80 74.43 -11.23 20.82
CA THR J 80 74.55 -10.42 22.02
C THR J 80 74.87 -11.31 23.22
N LYS J 81 75.71 -10.95 24.18
CA LYS J 81 75.85 -11.86 25.31
C LYS J 81 74.71 -11.61 26.31
N ILE J 82 74.22 -12.69 26.88
CA ILE J 82 73.25 -12.59 27.95
C ILE J 82 74.00 -12.60 29.30
N ASP J 83 73.62 -11.75 30.24
CA ASP J 83 74.30 -11.74 31.54
C ASP J 83 73.63 -12.80 32.42
N LYS J 84 72.39 -12.51 32.85
CA LYS J 84 71.67 -13.44 33.70
C LYS J 84 70.26 -13.83 33.20
N LEU J 85 69.87 -15.04 33.62
CA LEU J 85 68.48 -15.42 33.36
C LEU J 85 67.84 -15.71 34.71
N CYS J 86 66.62 -15.23 34.94
CA CYS J 86 65.87 -15.53 36.13
C CYS J 86 64.84 -16.59 35.67
N VAL J 87 64.97 -17.81 36.19
CA VAL J 87 64.12 -18.87 35.66
C VAL J 87 63.36 -19.61 36.73
N TRP J 88 62.26 -20.19 36.26
CA TRP J 88 61.43 -21.02 37.14
C TRP J 88 61.94 -22.44 37.00
N ASN J 89 62.34 -23.04 38.12
CA ASN J 89 62.89 -24.38 38.11
C ASN J 89 61.87 -25.46 38.47
N ASN J 90 60.60 -25.14 38.32
CA ASN J 90 59.53 -26.13 38.50
C ASN J 90 58.96 -26.50 37.13
N LYS J 91 59.80 -26.28 36.12
CA LYS J 91 59.48 -26.65 34.74
C LYS J 91 60.70 -27.28 34.12
N THR J 92 60.51 -28.07 33.09
CA THR J 92 61.55 -28.76 32.34
C THR J 92 61.25 -28.56 30.86
N PRO J 93 62.13 -27.85 30.18
CA PRO J 93 63.29 -27.23 30.76
C PRO J 93 62.90 -25.93 31.47
N ASN J 94 63.81 -25.47 32.34
CA ASN J 94 63.50 -24.29 33.17
C ASN J 94 62.93 -23.18 32.28
N SER J 95 62.00 -22.46 32.87
CA SER J 95 61.23 -21.44 32.17
C SER J 95 61.70 -20.02 32.41
N ILE J 96 61.86 -19.23 31.36
CA ILE J 96 62.39 -17.87 31.57
C ILE J 96 61.39 -16.90 32.15
N ALA J 97 61.76 -16.25 33.27
CA ALA J 97 60.93 -15.21 33.87
C ALA J 97 61.52 -13.84 33.56
N ALA J 98 62.86 -13.75 33.49
CA ALA J 98 63.45 -12.44 33.19
C ALA J 98 64.83 -12.62 32.61
N ILE J 99 65.29 -11.65 31.83
CA ILE J 99 66.63 -11.75 31.22
C ILE J 99 67.37 -10.44 31.43
N SER J 100 68.68 -10.51 31.66
CA SER J 100 69.42 -9.26 31.75
C SER J 100 70.62 -9.42 30.83
N MET J 101 71.11 -8.30 30.32
CA MET J 101 72.28 -8.29 29.45
C MET J 101 73.10 -7.04 29.77
N LYS J 102 74.42 -7.14 29.67
CA LYS J 102 75.19 -5.93 30.01
C LYS J 102 76.44 -5.89 29.15
N ASN J 103 76.90 -4.65 28.86
CA ASN J 103 78.10 -4.79 27.98
C ASN J 103 79.32 -4.59 28.88
#